data_6CQO
#
_entry.id   6CQO
#
_cell.length_a   80.283
_cell.length_b   101.576
_cell.length_c   114.484
_cell.angle_alpha   90.00
_cell.angle_beta   90.00
_cell.angle_gamma   90.00
#
_symmetry.space_group_name_H-M   'P 21 21 21'
#
loop_
_entity.id
_entity.type
_entity.pdbx_description
1 polymer 'Single-stranded DNA-binding protein RIM1, mitochondrial'
2 water water
#
_entity_poly.entity_id   1
_entity_poly.type   'polypeptide(L)'
_entity_poly.pdbx_seq_one_letter_code
;(MSE)DFSK(MSE)SIVGRIGSEFTEHTSANNNRYLKYSIASQPRRDGQTNWYNITVFNEPQINFLTEYVRKGALVYVEA
DAANYVFERDDGSKGTTLSLVQKDINLLKNGKKLEDAEGQENAASSE
;
_entity_poly.pdbx_strand_id   A,B,C,D,E,F,G,H
#
# COMPACT_ATOMS: atom_id res chain seq x y z
N MSE A 1 11.54 15.26 -35.42
CA MSE A 1 11.48 13.86 -35.85
C MSE A 1 10.88 12.97 -34.75
O MSE A 1 9.73 12.58 -34.83
CB MSE A 1 12.88 13.36 -36.22
CG MSE A 1 12.99 12.80 -37.63
SE MSE A 1 11.64 11.45 -38.04
CE MSE A 1 10.39 12.58 -39.03
N ASP A 2 11.69 12.67 -33.74
CA ASP A 2 11.22 11.90 -32.60
C ASP A 2 10.49 12.81 -31.61
N PHE A 3 9.54 12.24 -30.89
CA PHE A 3 8.81 12.99 -29.87
C PHE A 3 8.09 12.02 -28.96
N SER A 4 7.65 12.54 -27.82
CA SER A 4 6.83 11.79 -26.86
C SER A 4 5.85 12.77 -26.23
N LYS A 5 4.59 12.68 -26.62
CA LYS A 5 3.55 13.58 -26.15
C LYS A 5 2.47 12.78 -25.43
N MSE A 6 1.78 13.43 -24.50
CA MSE A 6 0.74 12.76 -23.73
C MSE A 6 -0.50 13.63 -23.55
O MSE A 6 -0.41 14.80 -23.20
CB MSE A 6 1.28 12.32 -22.37
CG MSE A 6 0.23 11.66 -21.49
SE MSE A 6 0.95 10.91 -19.84
CE MSE A 6 2.29 9.73 -20.62
N SER A 7 -1.67 13.03 -23.77
CA SER A 7 -2.95 13.65 -23.49
C SER A 7 -3.49 13.08 -22.19
N ILE A 8 -3.97 13.95 -21.30
CA ILE A 8 -4.42 13.56 -19.98
C ILE A 8 -5.78 14.19 -19.70
N VAL A 9 -6.74 13.40 -19.25
CA VAL A 9 -8.01 13.87 -18.75
C VAL A 9 -8.15 13.40 -17.31
N GLY A 10 -8.45 14.33 -16.41
CA GLY A 10 -8.59 13.98 -15.01
C GLY A 10 -8.87 15.21 -14.18
N ARG A 11 -8.82 15.01 -12.86
CA ARG A 11 -9.08 16.07 -11.90
C ARG A 11 -7.77 16.62 -11.35
N ILE A 12 -7.71 17.94 -11.22
CA ILE A 12 -6.55 18.59 -10.60
C ILE A 12 -6.59 18.28 -9.11
N GLY A 13 -5.65 17.47 -8.63
CA GLY A 13 -5.68 17.01 -7.25
C GLY A 13 -4.69 17.69 -6.34
N SER A 14 -4.29 18.92 -6.67
CA SER A 14 -3.35 19.66 -5.84
C SER A 14 -3.53 21.15 -6.12
N GLU A 15 -2.74 21.96 -5.44
CA GLU A 15 -2.73 23.40 -5.63
C GLU A 15 -1.74 23.78 -6.72
N PHE A 16 -1.80 25.05 -7.14
CA PHE A 16 -0.88 25.57 -8.15
C PHE A 16 0.30 26.21 -7.43
N THR A 17 1.40 25.47 -7.34
CA THR A 17 2.59 25.93 -6.64
C THR A 17 3.51 26.65 -7.61
N GLU A 18 3.75 27.94 -7.36
CA GLU A 18 4.64 28.72 -8.20
C GLU A 18 6.10 28.42 -7.86
N HIS A 19 6.94 28.50 -8.88
CA HIS A 19 8.38 28.27 -8.72
C HIS A 19 9.14 29.23 -9.62
N THR A 20 10.46 29.26 -9.42
CA THR A 20 11.36 30.05 -10.25
C THR A 20 12.63 29.25 -10.48
N SER A 21 12.95 28.99 -11.75
CA SER A 21 14.12 28.21 -12.07
C SER A 21 15.39 29.02 -11.79
N ALA A 22 16.53 28.33 -11.88
CA ALA A 22 17.81 28.98 -11.61
C ALA A 22 18.14 30.07 -12.62
N ASN A 23 17.58 29.99 -13.82
CA ASN A 23 17.84 31.00 -14.84
C ASN A 23 17.04 32.27 -14.58
N ASN A 25 13.63 31.80 -14.41
CA ASN A 25 12.42 31.65 -15.23
C ASN A 25 11.28 31.08 -14.39
N ARG A 26 10.09 31.63 -14.58
CA ARG A 26 8.91 31.26 -13.81
C ARG A 26 8.24 30.02 -14.39
N TYR A 27 7.80 29.12 -13.51
CA TYR A 27 7.04 27.96 -13.93
C TYR A 27 6.14 27.50 -12.80
N LEU A 28 5.06 26.79 -13.18
CA LEU A 28 4.05 26.32 -12.25
C LEU A 28 4.04 24.79 -12.24
N LYS A 29 3.56 24.22 -11.14
CA LYS A 29 3.49 22.78 -10.98
C LYS A 29 2.18 22.40 -10.28
N TYR A 30 1.56 21.33 -10.78
CA TYR A 30 0.35 20.79 -10.16
C TYR A 30 0.25 19.32 -10.52
N SER A 31 -0.71 18.64 -9.90
CA SER A 31 -0.90 17.21 -10.07
C SER A 31 -2.30 16.93 -10.62
N ILE A 32 -2.39 15.89 -11.44
CA ILE A 32 -3.64 15.46 -12.05
C ILE A 32 -3.92 14.02 -11.62
N ALA A 33 -5.09 13.79 -11.03
CA ALA A 33 -5.53 12.45 -10.67
C ALA A 33 -6.44 11.91 -11.77
N SER A 34 -6.11 10.74 -12.30
CA SER A 34 -6.83 10.15 -13.42
C SER A 34 -7.16 8.70 -13.10
N GLN A 35 -8.42 8.34 -13.24
CA GLN A 35 -8.88 6.96 -12.99
C GLN A 35 -9.74 6.52 -14.17
N PRO A 36 -9.16 5.79 -15.14
CA PRO A 36 -9.94 5.40 -16.32
C PRO A 36 -11.09 4.46 -16.01
N ARG A 37 -10.84 3.41 -15.23
CA ARG A 37 -11.87 2.45 -14.87
C ARG A 37 -12.16 2.52 -13.37
N ARG A 38 -13.43 2.30 -13.02
CA ARG A 38 -13.80 2.27 -11.61
C ARG A 38 -13.12 1.12 -10.88
N ASP A 39 -12.97 -0.02 -11.54
CA ASP A 39 -12.31 -1.18 -10.96
C ASP A 39 -10.80 -1.18 -11.20
N GLY A 40 -10.22 -0.03 -11.52
CA GLY A 40 -8.83 0.03 -11.89
C GLY A 40 -7.98 1.00 -11.11
N GLN A 41 -6.80 1.30 -11.64
CA GLN A 41 -5.82 2.12 -10.94
C GLN A 41 -6.09 3.60 -11.13
N THR A 42 -5.90 4.37 -10.05
CA THR A 42 -5.95 5.83 -10.11
C THR A 42 -4.54 6.35 -10.38
N ASN A 43 -4.37 7.07 -11.49
CA ASN A 43 -3.08 7.56 -11.93
C ASN A 43 -2.88 9.01 -11.51
N TRP A 44 -1.64 9.36 -11.19
CA TRP A 44 -1.26 10.71 -10.82
C TRP A 44 -0.10 11.16 -11.69
N TYR A 45 -0.17 12.41 -12.15
CA TYR A 45 0.87 12.97 -13.03
C TYR A 45 1.22 14.37 -12.55
N ASN A 46 2.52 14.64 -12.44
CA ASN A 46 3.02 15.96 -12.05
C ASN A 46 3.23 16.80 -13.31
N ILE A 47 2.46 17.88 -13.44
CA ILE A 47 2.47 18.70 -14.64
C ILE A 47 3.36 19.92 -14.39
N THR A 48 4.14 20.29 -15.40
CA THR A 48 4.95 21.50 -15.37
C THR A 48 4.47 22.44 -16.46
N VAL A 49 4.35 23.73 -16.12
CA VAL A 49 3.84 24.74 -17.04
C VAL A 49 4.84 25.88 -17.10
N PHE A 50 5.38 26.12 -18.30
CA PHE A 50 6.26 27.26 -18.55
C PHE A 50 5.58 28.37 -19.31
N ASN A 51 4.59 28.05 -20.15
CA ASN A 51 3.87 29.04 -20.95
C ASN A 51 3.10 30.00 -20.04
N GLU A 52 3.54 31.26 -20.00
CA GLU A 52 2.91 32.22 -19.09
C GLU A 52 1.43 32.45 -19.38
N PRO A 53 0.96 32.58 -20.63
CA PRO A 53 -0.49 32.69 -20.83
C PRO A 53 -1.29 31.54 -20.25
N GLN A 54 -0.69 30.34 -20.18
CA GLN A 54 -1.38 29.22 -19.54
C GLN A 54 -1.19 29.22 -18.03
N ILE A 55 -0.10 29.82 -17.55
CA ILE A 55 0.08 29.96 -16.10
C ILE A 55 -0.96 30.92 -15.52
N ASN A 56 -1.22 32.02 -16.23
CA ASN A 56 -2.20 32.99 -15.75
C ASN A 56 -3.60 32.40 -15.73
N PHE A 57 -3.94 31.59 -16.73
CA PHE A 57 -5.27 31.00 -16.78
C PHE A 57 -5.49 30.03 -15.63
N LEU A 58 -4.43 29.35 -15.17
CA LEU A 58 -4.55 28.39 -14.08
C LEU A 58 -4.68 29.09 -12.73
N THR A 59 -3.73 29.97 -12.41
CA THR A 59 -3.71 30.59 -11.09
C THR A 59 -4.90 31.52 -10.88
N GLU A 60 -5.49 32.04 -11.95
CA GLU A 60 -6.60 32.98 -11.83
C GLU A 60 -7.96 32.27 -11.77
N TYR A 61 -8.24 31.44 -12.77
CA TYR A 61 -9.60 30.91 -12.97
C TYR A 61 -9.77 29.45 -12.56
N VAL A 62 -8.72 28.65 -12.63
CA VAL A 62 -8.83 27.22 -12.35
C VAL A 62 -8.67 26.99 -10.86
N ARG A 63 -9.57 26.20 -10.28
CA ARG A 63 -9.55 25.85 -8.87
C ARG A 63 -9.20 24.38 -8.70
N LYS A 64 -8.89 24.00 -7.47
CA LYS A 64 -8.57 22.61 -7.18
C LYS A 64 -9.79 21.73 -7.42
N GLY A 65 -9.56 20.53 -7.95
CA GLY A 65 -10.62 19.62 -8.29
C GLY A 65 -11.24 19.84 -9.65
N ALA A 66 -10.59 20.62 -10.51
CA ALA A 66 -11.13 20.90 -11.83
C ALA A 66 -10.89 19.73 -12.78
N LEU A 67 -11.89 19.41 -13.59
CA LEU A 67 -11.78 18.40 -14.63
C LEU A 67 -11.17 19.04 -15.87
N VAL A 68 -9.98 18.60 -16.25
CA VAL A 68 -9.22 19.25 -17.31
C VAL A 68 -8.75 18.23 -18.33
N TYR A 69 -8.51 18.71 -19.55
CA TYR A 69 -7.90 17.94 -20.63
C TYR A 69 -6.57 18.60 -20.97
N VAL A 70 -5.47 17.92 -20.65
CA VAL A 70 -4.14 18.50 -20.74
C VAL A 70 -3.35 17.74 -21.80
N GLU A 71 -2.69 18.49 -22.69
CA GLU A 71 -1.72 17.94 -23.63
C GLU A 71 -0.34 18.39 -23.21
N ALA A 72 0.59 17.44 -23.10
CA ALA A 72 1.91 17.72 -22.57
C ALA A 72 2.98 16.95 -23.30
N ASP A 73 4.14 17.56 -23.48
CA ASP A 73 5.30 16.88 -24.03
C ASP A 73 6.00 16.09 -22.92
N ALA A 74 6.24 14.81 -23.16
CA ALA A 74 6.78 13.91 -22.16
C ALA A 74 8.28 13.74 -22.35
N ALA A 75 9.01 13.75 -21.24
CA ALA A 75 10.44 13.49 -21.22
C ALA A 75 10.76 12.54 -20.08
N ASN A 76 11.71 11.65 -20.30
CA ASN A 76 12.08 10.63 -19.31
C ASN A 76 13.57 10.80 -18.99
N TYR A 77 13.87 11.40 -17.86
CA TYR A 77 15.25 11.65 -17.44
C TYR A 77 15.77 10.46 -16.65
N VAL A 78 16.77 9.79 -17.19
CA VAL A 78 17.39 8.65 -16.51
C VAL A 78 18.23 9.14 -15.34
N GLY A 87 16.80 4.56 -12.41
CA GLY A 87 16.16 5.73 -11.84
C GLY A 87 15.70 6.73 -12.88
N THR A 88 14.46 6.57 -13.34
CA THR A 88 13.86 7.45 -14.33
C THR A 88 12.80 8.34 -13.70
N THR A 89 12.74 9.58 -14.16
CA THR A 89 11.76 10.56 -13.69
C THR A 89 10.99 11.10 -14.89
N LEU A 90 9.68 11.03 -14.83
CA LEU A 90 8.84 11.51 -15.92
C LEU A 90 8.61 13.01 -15.79
N SER A 91 8.71 13.71 -16.92
CA SER A 91 8.49 15.14 -16.99
C SER A 91 7.38 15.42 -18.00
N LEU A 92 6.40 16.22 -17.59
CA LEU A 92 5.24 16.55 -18.44
C LEU A 92 5.12 18.07 -18.49
N VAL A 93 5.71 18.67 -19.52
CA VAL A 93 5.62 20.11 -19.74
C VAL A 93 4.32 20.39 -20.49
N GLN A 94 3.43 21.17 -19.87
CA GLN A 94 2.12 21.43 -20.45
C GLN A 94 2.25 22.28 -21.70
N LYS A 95 1.46 21.95 -22.72
CA LYS A 95 1.38 22.72 -23.95
C LYS A 95 0.01 23.32 -24.22
N ASP A 96 -1.06 22.69 -23.72
CA ASP A 96 -2.41 23.22 -23.88
C ASP A 96 -3.29 22.60 -22.81
N ILE A 97 -4.38 23.28 -22.49
CA ILE A 97 -5.31 22.80 -21.47
C ILE A 97 -6.71 23.31 -21.81
N ASN A 98 -7.70 22.45 -21.59
CA ASN A 98 -9.11 22.79 -21.79
C ASN A 98 -9.86 22.43 -20.53
N LEU A 99 -10.52 23.43 -19.93
CA LEU A 99 -11.29 23.21 -18.70
C LEU A 99 -12.61 22.54 -19.05
N LEU A 100 -12.78 21.30 -18.59
CA LEU A 100 -14.06 20.61 -18.80
C LEU A 100 -15.07 21.03 -17.75
N LYS A 101 -14.71 20.90 -16.47
CA LYS A 101 -15.54 21.35 -15.36
C LYS A 101 -14.62 21.87 -14.27
N ASN A 102 -14.92 23.06 -13.75
CA ASN A 102 -14.06 23.68 -12.76
C ASN A 102 -14.33 23.11 -11.36
N GLY A 103 -13.36 23.30 -10.49
CA GLY A 103 -13.50 22.84 -9.12
C GLY A 103 -14.49 23.69 -8.33
N LYS A 104 -14.84 23.18 -7.16
CA LYS A 104 -15.81 23.85 -6.29
C LYS A 104 -15.27 25.16 -5.75
N MSE B 1 -23.60 10.71 -1.23
CA MSE B 1 -24.45 9.62 -0.76
C MSE B 1 -23.67 8.32 -0.64
O MSE B 1 -24.00 7.46 0.19
CB MSE B 1 -25.65 9.44 -1.70
CG MSE B 1 -25.29 9.07 -3.12
SE MSE B 1 -26.34 7.57 -3.74
CE MSE B 1 -26.37 6.56 -2.08
N ASP B 2 -22.65 8.16 -1.47
CA ASP B 2 -21.74 7.02 -1.36
C ASP B 2 -20.66 7.32 -0.34
N PHE B 3 -20.29 6.29 0.42
CA PHE B 3 -19.23 6.45 1.40
C PHE B 3 -18.70 5.07 1.80
N SER B 4 -17.52 5.08 2.41
CA SER B 4 -16.92 3.86 2.95
C SER B 4 -16.09 4.27 4.16
N LYS B 5 -16.64 4.04 5.36
CA LYS B 5 -16.00 4.43 6.60
C LYS B 5 -15.65 3.19 7.43
N MSE B 6 -14.55 3.30 8.17
CA MSE B 6 -14.06 2.19 8.97
C MSE B 6 -13.89 2.56 10.44
O MSE B 6 -13.34 3.62 10.75
CB MSE B 6 -12.74 1.68 8.40
CG MSE B 6 -11.97 0.75 9.32
SE MSE B 6 -11.58 -0.97 8.51
CE MSE B 6 -10.76 -0.35 6.86
N SER B 7 -14.36 1.69 11.34
CA SER B 7 -14.20 1.86 12.78
C SER B 7 -13.22 0.83 13.28
N ILE B 8 -12.15 1.28 13.95
CA ILE B 8 -11.07 0.41 14.40
C ILE B 8 -10.91 0.56 15.90
N VAL B 9 -10.74 -0.56 16.60
CA VAL B 9 -10.33 -0.59 17.99
C VAL B 9 -9.06 -1.41 18.06
N GLY B 10 -7.96 -0.77 18.41
CA GLY B 10 -6.68 -1.45 18.45
C GLY B 10 -5.65 -0.64 19.21
N ARG B 11 -4.40 -1.06 19.08
CA ARG B 11 -3.29 -0.47 19.81
C ARG B 11 -2.29 0.11 18.82
N ILE B 12 -1.87 1.35 19.07
CA ILE B 12 -0.91 2.02 18.19
C ILE B 12 0.45 1.36 18.33
N GLY B 13 0.99 0.89 17.21
CA GLY B 13 2.28 0.22 17.22
C GLY B 13 3.33 0.91 16.37
N SER B 14 3.34 2.24 16.39
CA SER B 14 4.31 3.01 15.61
C SER B 14 4.34 4.44 16.14
N GLU B 15 5.48 5.09 15.95
CA GLU B 15 5.59 6.50 16.30
C GLU B 15 4.87 7.37 15.26
N PHE B 16 4.58 8.60 15.67
CA PHE B 16 3.86 9.53 14.81
C PHE B 16 4.86 10.18 13.86
N THR B 17 4.94 9.66 12.64
CA THR B 17 5.80 10.22 11.60
C THR B 17 5.05 11.35 10.90
N GLU B 18 5.67 12.52 10.84
CA GLU B 18 5.06 13.71 10.26
C GLU B 18 5.59 13.91 8.84
N HIS B 19 4.67 14.07 7.88
CA HIS B 19 5.05 14.21 6.48
C HIS B 19 4.52 15.51 5.89
N ARG B 26 0.49 19.62 5.78
CA ARG B 26 1.10 18.54 6.53
C ARG B 26 0.09 17.47 6.90
N TYR B 27 0.58 16.29 7.28
CA TYR B 27 -0.28 15.22 7.75
C TYR B 27 0.54 14.24 8.58
N LEU B 28 -0.13 13.59 9.52
CA LEU B 28 0.49 12.61 10.40
C LEU B 28 0.20 11.20 9.92
N LYS B 29 1.06 10.27 10.33
CA LYS B 29 0.97 8.88 9.89
C LYS B 29 1.32 7.95 11.03
N TYR B 30 0.46 6.97 11.29
CA TYR B 30 0.73 5.98 12.32
C TYR B 30 -0.05 4.70 11.97
N SER B 31 0.25 3.64 12.71
CA SER B 31 -0.32 2.33 12.46
C SER B 31 -1.02 1.80 13.70
N ILE B 32 -2.01 0.94 13.49
CA ILE B 32 -2.81 0.35 14.55
C ILE B 32 -2.77 -1.16 14.41
N ALA B 33 -2.51 -1.85 15.51
CA ALA B 33 -2.54 -3.30 15.55
C ALA B 33 -3.84 -3.75 16.21
N SER B 34 -4.64 -4.52 15.47
CA SER B 34 -5.95 -4.98 15.94
C SER B 34 -6.04 -6.49 15.75
N GLN B 35 -6.18 -7.21 16.85
CA GLN B 35 -6.31 -8.67 16.84
C GLN B 35 -7.66 -9.04 17.43
N PRO B 36 -8.72 -9.12 16.60
CA PRO B 36 -10.06 -9.52 17.06
C PRO B 36 -10.10 -10.92 17.65
N THR B 42 -3.89 -11.00 13.52
CA THR B 42 -3.53 -9.65 13.88
C THR B 42 -3.50 -8.74 12.66
N ASN B 43 -4.46 -7.81 12.61
CA ASN B 43 -4.60 -6.92 11.46
C ASN B 43 -3.80 -5.64 11.67
N TRP B 44 -3.41 -5.03 10.55
CA TRP B 44 -2.57 -3.83 10.56
C TRP B 44 -3.23 -2.76 9.69
N TYR B 45 -3.32 -1.54 10.22
CA TYR B 45 -3.97 -0.44 9.52
C TYR B 45 -3.11 0.81 9.64
N ASN B 46 -2.74 1.38 8.49
CA ASN B 46 -2.03 2.64 8.44
C ASN B 46 -3.03 3.79 8.41
N ILE B 47 -2.88 4.73 9.35
CA ILE B 47 -3.82 5.83 9.53
C ILE B 47 -3.16 7.12 9.07
N THR B 48 -3.91 7.92 8.32
CA THR B 48 -3.48 9.24 7.85
C THR B 48 -4.34 10.30 8.51
N VAL B 49 -3.70 11.33 9.04
CA VAL B 49 -4.38 12.37 9.81
C VAL B 49 -4.08 13.73 9.17
N PHE B 50 -5.12 14.37 8.64
CA PHE B 50 -4.99 15.72 8.09
C PHE B 50 -5.59 16.78 9.00
N ASN B 51 -6.59 16.43 9.80
CA ASN B 51 -7.27 17.40 10.65
C ASN B 51 -6.32 17.93 11.72
N GLU B 52 -6.18 19.26 11.78
CA GLU B 52 -5.22 19.85 12.71
C GLU B 52 -5.59 19.64 14.17
N PRO B 53 -6.85 19.84 14.61
CA PRO B 53 -7.18 19.57 16.01
C PRO B 53 -6.95 18.12 16.44
N GLN B 54 -6.89 17.18 15.50
CA GLN B 54 -6.63 15.79 15.86
C GLN B 54 -5.18 15.38 15.69
N ILE B 55 -4.38 16.15 14.95
CA ILE B 55 -2.94 15.94 14.97
C ILE B 55 -2.35 16.38 16.30
N ASN B 56 -2.86 17.49 16.84
CA ASN B 56 -2.36 17.99 18.12
C ASN B 56 -2.68 17.02 19.25
N PHE B 57 -3.87 16.42 19.23
CA PHE B 57 -4.22 15.46 20.28
C PHE B 57 -3.30 14.24 20.24
N LEU B 58 -2.93 13.79 19.04
CA LEU B 58 -2.02 12.65 18.93
C LEU B 58 -0.62 13.01 19.40
N THR B 59 -0.12 14.17 18.98
CA THR B 59 1.27 14.52 19.29
C THR B 59 1.45 14.83 20.77
N GLU B 60 0.49 15.52 21.38
CA GLU B 60 0.63 15.98 22.76
C GLU B 60 0.22 14.93 23.79
N TYR B 61 -0.81 14.13 23.51
CA TYR B 61 -1.38 13.23 24.51
C TYR B 61 -1.08 11.76 24.26
N VAL B 62 -1.16 11.29 23.02
CA VAL B 62 -1.13 9.86 22.74
C VAL B 62 0.31 9.36 22.72
N ARG B 63 0.53 8.20 23.34
CA ARG B 63 1.81 7.53 23.33
C ARG B 63 1.67 6.18 22.62
N LYS B 64 2.82 5.59 22.29
CA LYS B 64 2.83 4.31 21.59
C LYS B 64 2.29 3.21 22.50
N GLY B 65 1.56 2.27 21.90
CA GLY B 65 0.94 1.19 22.63
C GLY B 65 -0.43 1.51 23.19
N ALA B 66 -1.00 2.65 22.81
CA ALA B 66 -2.27 3.09 23.38
C ALA B 66 -3.44 2.36 22.72
N LEU B 67 -4.33 1.82 23.53
CA LEU B 67 -5.57 1.23 23.04
C LEU B 67 -6.53 2.34 22.66
N VAL B 68 -6.91 2.39 21.38
CA VAL B 68 -7.65 3.52 20.84
C VAL B 68 -8.87 3.04 20.06
N TYR B 69 -9.83 3.94 19.91
CA TYR B 69 -11.00 3.76 19.04
C TYR B 69 -10.91 4.83 17.96
N VAL B 70 -10.64 4.41 16.73
CA VAL B 70 -10.42 5.32 15.61
C VAL B 70 -11.51 5.11 14.58
N GLU B 71 -12.10 6.21 14.10
CA GLU B 71 -13.01 6.21 12.98
C GLU B 71 -12.38 6.94 11.81
N ALA B 72 -12.36 6.30 10.64
CA ALA B 72 -11.67 6.85 9.48
C ALA B 72 -12.49 6.63 8.23
N ASP B 73 -12.34 7.56 7.28
CA ASP B 73 -12.93 7.40 5.96
C ASP B 73 -11.99 6.56 5.10
N ALA B 74 -12.50 5.46 4.56
CA ALA B 74 -11.68 4.49 3.84
C ALA B 74 -11.71 4.76 2.35
N ALA B 75 -10.56 4.50 1.71
CA ALA B 75 -10.43 4.58 0.26
C ALA B 75 -9.50 3.46 -0.20
N ASN B 76 -9.79 2.90 -1.38
CA ASN B 76 -9.03 1.78 -1.91
C ASN B 76 -8.43 2.20 -3.25
N TYR B 77 -7.10 2.23 -3.32
CA TYR B 77 -6.38 2.59 -4.52
C TYR B 77 -5.79 1.32 -5.15
N VAL B 78 -6.24 1.01 -6.36
CA VAL B 78 -5.77 -0.18 -7.06
C VAL B 78 -4.45 0.14 -7.76
N PHE B 79 -3.53 -0.83 -7.79
CA PHE B 79 -2.27 -0.71 -8.49
C PHE B 79 -2.18 -1.81 -9.54
N GLU B 80 -2.12 -1.41 -10.81
CA GLU B 80 -1.99 -2.34 -11.92
C GLU B 80 -0.51 -2.63 -12.13
N ARG B 81 -0.11 -3.87 -11.88
CA ARG B 81 1.28 -4.28 -12.05
C ARG B 81 1.62 -4.33 -13.54
N ASP B 82 2.88 -4.01 -13.85
CA ASP B 82 3.35 -4.17 -15.23
C ASP B 82 3.36 -5.62 -15.64
N ASP B 83 3.37 -6.56 -14.68
CA ASP B 83 3.21 -7.96 -14.99
C ASP B 83 1.77 -8.30 -15.36
N GLY B 84 0.80 -7.50 -14.91
CA GLY B 84 -0.58 -7.69 -15.29
C GLY B 84 -1.56 -7.76 -14.13
N SER B 85 -1.08 -8.24 -12.98
CA SER B 85 -1.97 -8.45 -11.84
C SER B 85 -2.38 -7.12 -11.21
N LYS B 86 -3.41 -7.18 -10.39
CA LYS B 86 -3.92 -6.03 -9.67
C LYS B 86 -3.57 -6.12 -8.19
N GLY B 87 -3.41 -4.96 -7.56
CA GLY B 87 -3.14 -4.89 -6.14
C GLY B 87 -3.73 -3.65 -5.51
N THR B 88 -4.45 -3.82 -4.40
CA THR B 88 -5.15 -2.72 -3.75
C THR B 88 -4.33 -2.18 -2.58
N THR B 89 -4.49 -0.88 -2.35
CA THR B 89 -3.86 -0.19 -1.22
C THR B 89 -4.94 0.55 -0.45
N LEU B 90 -5.04 0.26 0.84
CA LEU B 90 -6.08 0.85 1.69
C LEU B 90 -5.60 2.18 2.25
N SER B 91 -6.45 3.20 2.15
CA SER B 91 -6.17 4.52 2.68
C SER B 91 -7.20 4.87 3.73
N LEU B 92 -6.74 5.24 4.93
CA LEU B 92 -7.61 5.56 6.05
C LEU B 92 -7.28 6.96 6.55
N VAL B 93 -8.24 7.87 6.44
CA VAL B 93 -8.09 9.24 6.90
C VAL B 93 -8.89 9.38 8.19
N GLN B 94 -8.18 9.60 9.30
CA GLN B 94 -8.81 9.65 10.61
C GLN B 94 -9.76 10.83 10.73
N LYS B 95 -10.97 10.58 11.23
CA LYS B 95 -11.96 11.62 11.47
C LYS B 95 -12.27 11.83 12.94
N ASP B 96 -12.08 10.81 13.78
CA ASP B 96 -12.26 10.94 15.22
C ASP B 96 -11.51 9.81 15.90
N ILE B 97 -11.02 10.07 17.10
CA ILE B 97 -10.29 9.10 17.90
C ILE B 97 -10.73 9.22 19.35
N ASN B 98 -10.86 8.07 20.02
CA ASN B 98 -11.15 8.01 21.45
C ASN B 98 -10.12 7.12 22.11
N LEU B 99 -9.40 7.68 23.08
CA LEU B 99 -8.32 6.96 23.76
C LEU B 99 -8.91 6.10 24.87
N LEU B 100 -8.80 4.78 24.74
CA LEU B 100 -9.29 3.88 25.77
C LEU B 100 -8.28 3.75 26.90
N LYS B 101 -7.02 3.51 26.56
CA LYS B 101 -5.94 3.44 27.54
C LYS B 101 -4.65 3.85 26.85
N ASN B 102 -3.97 4.86 27.40
CA ASN B 102 -2.75 5.33 26.79
C ASN B 102 -1.61 4.35 27.04
N GLY B 103 -0.54 4.50 26.26
CA GLY B 103 0.62 3.63 26.38
C GLY B 103 1.44 3.94 27.63
N LYS B 104 2.50 3.16 27.80
CA LYS B 104 3.36 3.28 28.96
C LYS B 104 4.36 4.42 28.76
N LYS B 105 5.24 4.59 29.74
CA LYS B 105 6.20 5.71 29.79
C LYS B 105 5.48 7.04 29.68
N ASP C 2 17.81 -32.79 -6.52
CA ASP C 2 16.67 -31.94 -6.83
C ASP C 2 15.55 -32.10 -5.81
N PHE C 3 15.24 -31.03 -5.09
CA PHE C 3 14.13 -31.04 -4.15
C PHE C 3 13.71 -29.60 -3.89
N SER C 4 12.64 -29.46 -3.12
CA SER C 4 12.12 -28.15 -2.75
C SER C 4 11.34 -28.31 -1.45
N LYS C 5 11.97 -27.96 -0.33
CA LYS C 5 11.36 -28.09 0.98
C LYS C 5 11.03 -26.71 1.55
N MSE C 6 10.10 -26.70 2.49
CA MSE C 6 9.62 -25.47 3.10
C MSE C 6 9.52 -25.59 4.62
O MSE C 6 8.93 -26.54 5.13
CB MSE C 6 8.24 -25.09 2.52
CG MSE C 6 7.54 -23.98 3.26
SE MSE C 6 8.08 -22.19 2.70
CE MSE C 6 7.24 -22.16 0.94
N SER C 7 10.10 -24.63 5.34
CA SER C 7 10.06 -24.62 6.80
C SER C 7 9.30 -23.39 7.26
N ILE C 8 8.18 -23.61 7.94
CA ILE C 8 7.30 -22.53 8.40
C ILE C 8 7.10 -22.68 9.90
N VAL C 9 7.13 -21.55 10.61
CA VAL C 9 6.62 -21.43 11.96
C VAL C 9 5.65 -20.25 11.98
N GLY C 10 4.40 -20.54 12.36
CA GLY C 10 3.39 -19.52 12.45
C GLY C 10 2.21 -20.07 13.21
N ARG C 11 1.11 -19.34 13.16
CA ARG C 11 -0.10 -19.72 13.88
C ARG C 11 -1.11 -20.34 12.92
N ILE C 12 -1.63 -21.51 13.27
CA ILE C 12 -2.66 -22.15 12.47
C ILE C 12 -3.90 -21.26 12.47
N GLY C 13 -4.27 -20.77 11.30
CA GLY C 13 -5.36 -19.81 11.20
C GLY C 13 -6.63 -20.35 10.57
N SER C 14 -6.87 -21.65 10.72
CA SER C 14 -8.08 -22.26 10.19
C SER C 14 -8.37 -23.53 10.98
N GLU C 15 -9.44 -24.22 10.58
CA GLU C 15 -9.76 -25.51 11.14
C GLU C 15 -9.13 -26.62 10.31
N PHE C 16 -9.20 -27.84 10.83
CA PHE C 16 -8.66 -29.02 10.14
C PHE C 16 -9.78 -29.64 9.34
N THR C 17 -9.88 -29.24 8.07
CA THR C 17 -10.90 -29.76 7.16
C THR C 17 -10.41 -31.07 6.55
N GLU C 18 -11.25 -32.10 6.63
CA GLU C 18 -10.90 -33.44 6.16
C GLU C 18 -11.47 -33.67 4.76
N HIS C 19 -10.71 -34.38 3.94
CA HIS C 19 -11.12 -34.71 2.59
C HIS C 19 -10.74 -36.17 2.32
N THR C 20 -10.88 -36.59 1.07
CA THR C 20 -10.51 -37.95 0.66
C THR C 20 -9.77 -37.94 -0.68
N ARG C 26 -7.64 -40.02 2.00
CA ARG C 26 -7.99 -39.13 3.10
C ARG C 26 -6.80 -38.25 3.49
N TYR C 27 -7.00 -36.93 3.43
CA TYR C 27 -5.97 -35.97 3.77
C TYR C 27 -6.59 -34.81 4.52
N LEU C 28 -5.73 -34.06 5.23
CA LEU C 28 -6.15 -32.95 6.06
C LEU C 28 -5.61 -31.65 5.49
N LYS C 29 -6.41 -30.59 5.58
CA LYS C 29 -6.08 -29.28 5.04
C LYS C 29 -6.22 -28.22 6.12
N TYR C 30 -5.24 -27.32 6.20
CA TYR C 30 -5.32 -26.19 7.10
C TYR C 30 -4.34 -25.12 6.63
N SER C 31 -4.57 -23.90 7.10
CA SER C 31 -3.76 -22.75 6.71
C SER C 31 -2.90 -22.27 7.87
N ILE C 32 -1.77 -21.67 7.53
CA ILE C 32 -0.83 -21.13 8.51
C ILE C 32 -0.60 -19.66 8.21
N ALA C 33 -0.75 -18.82 9.22
CA ALA C 33 -0.48 -17.39 9.11
C ALA C 33 0.89 -17.11 9.75
N SER C 34 1.91 -17.05 8.90
CA SER C 34 3.28 -16.74 9.33
C SER C 34 3.49 -15.24 9.19
N GLN C 35 3.83 -14.57 10.31
CA GLN C 35 3.96 -13.11 10.35
C GLN C 35 5.32 -12.74 10.94
N PRO C 36 6.37 -12.73 10.11
CA PRO C 36 7.63 -12.11 10.57
C PRO C 36 7.48 -10.60 10.64
N ARG C 37 7.99 -10.02 11.72
CA ARG C 37 7.97 -8.59 11.97
C ARG C 37 6.57 -8.07 12.22
N ARG C 38 6.40 -7.39 13.36
CA ARG C 38 5.14 -6.75 13.68
C ARG C 38 4.71 -5.79 12.58
N ASP C 39 5.66 -4.98 12.10
CA ASP C 39 5.40 -4.06 10.99
C ASP C 39 4.97 -4.82 9.74
N GLY C 40 5.70 -5.88 9.40
CA GLY C 40 5.72 -6.40 8.04
C GLY C 40 4.55 -7.23 7.56
N GLN C 41 4.86 -8.14 6.63
CA GLN C 41 3.88 -8.84 5.81
C GLN C 41 3.38 -10.11 6.50
N THR C 42 2.11 -10.43 6.24
CA THR C 42 1.52 -11.71 6.61
C THR C 42 1.64 -12.68 5.44
N ASN C 43 2.19 -13.86 5.72
CA ASN C 43 2.34 -14.90 4.71
C ASN C 43 1.41 -16.06 5.05
N TRP C 44 0.46 -16.34 4.17
CA TRP C 44 -0.49 -17.42 4.35
C TRP C 44 -0.06 -18.62 3.51
N TYR C 45 -0.10 -19.81 4.11
CA TYR C 45 0.30 -21.04 3.45
C TYR C 45 -0.74 -22.11 3.73
N ASN C 46 -1.13 -22.84 2.69
CA ASN C 46 -2.09 -23.93 2.81
C ASN C 46 -1.31 -25.24 2.89
N ILE C 47 -1.53 -25.99 3.96
CA ILE C 47 -0.79 -27.21 4.24
C ILE C 47 -1.66 -28.42 3.93
N THR C 48 -1.06 -29.43 3.29
CA THR C 48 -1.71 -30.70 3.00
C THR C 48 -1.02 -31.80 3.79
N VAL C 49 -1.80 -32.63 4.46
CA VAL C 49 -1.27 -33.68 5.32
C VAL C 49 -1.84 -35.02 4.87
N PHE C 50 -0.97 -35.92 4.43
CA PHE C 50 -1.35 -37.28 4.06
C PHE C 50 -0.96 -38.31 5.11
N ASN C 51 0.16 -38.10 5.81
CA ASN C 51 0.65 -39.03 6.81
C ASN C 51 -0.37 -39.22 7.94
N GLU C 52 -0.95 -40.42 8.02
CA GLU C 52 -1.98 -40.68 9.03
C GLU C 52 -1.51 -40.44 10.46
N PRO C 53 -0.30 -40.85 10.88
CA PRO C 53 0.14 -40.51 12.24
C PRO C 53 0.13 -39.00 12.52
N GLN C 54 0.42 -38.17 11.52
CA GLN C 54 0.39 -36.72 11.75
C GLN C 54 -1.01 -36.15 11.62
N ILE C 55 -1.90 -36.82 10.88
CA ILE C 55 -3.29 -36.38 10.82
C ILE C 55 -3.95 -36.57 12.18
N ASN C 56 -3.67 -37.70 12.84
CA ASN C 56 -4.26 -37.97 14.15
C ASN C 56 -3.75 -37.01 15.21
N PHE C 57 -2.48 -36.61 15.11
CA PHE C 57 -1.93 -35.66 16.08
C PHE C 57 -2.59 -34.30 15.94
N LEU C 58 -2.92 -33.90 14.72
CA LEU C 58 -3.53 -32.59 14.50
C LEU C 58 -4.97 -32.56 15.01
N THR C 59 -5.75 -33.58 14.68
CA THR C 59 -7.16 -33.60 15.08
C THR C 59 -7.32 -33.82 16.58
N GLU C 60 -6.44 -34.60 17.20
CA GLU C 60 -6.58 -34.91 18.61
C GLU C 60 -6.11 -33.77 19.51
N TYR C 61 -4.92 -33.22 19.22
CA TYR C 61 -4.25 -32.32 20.15
C TYR C 61 -4.26 -30.86 19.72
N VAL C 62 -3.99 -30.57 18.46
CA VAL C 62 -3.76 -29.19 18.03
C VAL C 62 -5.09 -28.45 17.93
N ARG C 63 -5.08 -27.19 18.37
CA ARG C 63 -6.22 -26.30 18.27
C ARG C 63 -5.89 -25.12 17.37
N LYS C 64 -6.94 -24.42 16.92
CA LYS C 64 -6.75 -23.25 16.06
C LYS C 64 -6.04 -22.14 16.84
N GLY C 65 -5.11 -21.48 16.17
CA GLY C 65 -4.29 -20.47 16.81
C GLY C 65 -3.01 -20.98 17.40
N ALA C 66 -2.70 -22.26 17.23
CA ALA C 66 -1.49 -22.83 17.81
C ALA C 66 -0.25 -22.39 17.05
N LEU C 67 0.81 -22.09 17.79
CA LEU C 67 2.09 -21.76 17.20
C LEU C 67 2.82 -23.05 16.86
N VAL C 68 2.96 -23.34 15.57
CA VAL C 68 3.49 -24.61 15.10
C VAL C 68 4.76 -24.38 14.31
N TYR C 69 5.54 -25.45 14.15
CA TYR C 69 6.72 -25.47 13.30
C TYR C 69 6.53 -26.61 12.31
N VAL C 70 6.33 -26.28 11.03
CA VAL C 70 5.95 -27.24 10.01
C VAL C 70 7.05 -27.33 8.96
N GLU C 71 7.49 -28.55 8.69
CA GLU C 71 8.38 -28.85 7.57
C GLU C 71 7.59 -29.61 6.52
N ALA C 72 7.62 -29.10 5.28
CA ALA C 72 6.78 -29.65 4.23
C ALA C 72 7.50 -29.64 2.89
N ASP C 73 7.30 -30.69 2.11
CA ASP C 73 7.80 -30.71 0.75
C ASP C 73 6.99 -29.77 -0.12
N ALA C 74 7.66 -28.94 -0.89
CA ALA C 74 7.00 -27.92 -1.70
C ALA C 74 6.87 -28.38 -3.15
N ALA C 75 5.87 -27.85 -3.84
CA ALA C 75 5.63 -28.13 -5.24
C ALA C 75 4.80 -26.99 -5.83
N ASN C 76 5.12 -26.63 -7.07
CA ASN C 76 4.44 -25.53 -7.76
C ASN C 76 3.61 -26.11 -8.89
N TYR C 77 2.29 -26.20 -8.68
CA TYR C 77 1.38 -26.73 -9.67
C TYR C 77 0.79 -25.59 -10.48
N VAL C 78 0.97 -25.65 -11.80
CA VAL C 78 0.38 -24.69 -12.72
C VAL C 78 -0.92 -25.26 -13.25
N PHE C 79 -1.93 -24.41 -13.41
CA PHE C 79 -3.23 -24.84 -13.89
C PHE C 79 -3.89 -23.79 -14.78
N SER C 85 -5.77 -16.56 -17.27
CA SER C 85 -5.36 -17.65 -18.15
C SER C 85 -4.65 -18.75 -17.35
N LYS C 86 -3.52 -18.40 -16.75
CA LYS C 86 -2.73 -19.35 -15.98
C LYS C 86 -2.73 -18.98 -14.51
N GLY C 87 -2.57 -20.00 -13.67
CA GLY C 87 -2.46 -19.80 -12.23
C GLY C 87 -1.52 -20.81 -11.64
N THR C 88 -0.89 -20.43 -10.54
CA THR C 88 0.08 -21.28 -9.85
C THR C 88 -0.34 -21.45 -8.40
N THR C 89 -0.57 -22.69 -7.99
CA THR C 89 -0.94 -23.00 -6.62
C THR C 89 0.24 -23.66 -5.90
N LEU C 90 0.64 -23.08 -4.78
CA LEU C 90 1.74 -23.63 -3.99
C LEU C 90 1.23 -24.78 -3.14
N SER C 91 1.81 -25.97 -3.33
CA SER C 91 1.42 -27.17 -2.61
C SER C 91 2.47 -27.48 -1.56
N LEU C 92 2.05 -27.59 -0.31
CA LEU C 92 2.93 -27.89 0.82
C LEU C 92 2.43 -29.16 1.49
N VAL C 93 3.13 -30.27 1.25
CA VAL C 93 2.76 -31.56 1.84
C VAL C 93 3.55 -31.71 3.13
N GLN C 94 2.84 -31.68 4.26
CA GLN C 94 3.49 -31.69 5.56
C GLN C 94 4.26 -32.98 5.80
N LYS C 95 5.54 -32.85 6.14
CA LYS C 95 6.37 -33.99 6.49
C LYS C 95 6.56 -34.15 8.00
N ASP C 96 6.61 -33.05 8.74
CA ASP C 96 6.76 -33.10 10.18
C ASP C 96 6.22 -31.81 10.77
N ILE C 97 5.74 -31.88 12.01
CA ILE C 97 5.23 -30.72 12.72
C ILE C 97 5.65 -30.80 14.18
N ASN C 98 6.03 -29.66 14.74
CA ASN C 98 6.36 -29.55 16.15
C ASN C 98 5.58 -28.39 16.75
N LEU C 99 4.84 -28.67 17.81
CA LEU C 99 4.01 -27.65 18.44
C LEU C 99 4.87 -26.78 19.36
N LEU C 100 4.91 -25.48 19.09
CA LEU C 100 5.58 -24.55 19.99
C LEU C 100 4.66 -24.12 21.13
N LYS C 101 3.39 -23.86 20.83
CA LYS C 101 2.38 -23.51 21.81
C LYS C 101 1.02 -23.73 21.18
N ASN C 102 0.09 -24.27 21.96
CA ASN C 102 -1.22 -24.59 21.44
C ASN C 102 -2.15 -23.38 21.50
N GLY C 103 -3.21 -23.44 20.69
CA GLY C 103 -4.19 -22.38 20.70
C GLY C 103 -5.25 -22.57 21.76
N LYS C 104 -5.96 -21.50 22.07
CA LYS C 104 -6.99 -21.54 23.09
C LYS C 104 -8.39 -21.63 22.49
N MSE D 1 9.73 -14.18 15.00
CA MSE D 1 10.21 -15.56 15.09
C MSE D 1 9.45 -16.40 14.09
O MSE D 1 9.85 -17.53 13.79
CB MSE D 1 10.06 -16.09 16.50
CG MSE D 1 10.98 -17.27 16.86
SE MSE D 1 12.75 -17.18 16.06
CE MSE D 1 13.77 -17.96 17.52
N ASP D 2 8.32 -15.88 13.62
CA ASP D 2 7.64 -16.47 12.49
C ASP D 2 8.50 -16.32 11.24
N PHE D 3 8.57 -17.37 10.43
CA PHE D 3 9.32 -17.32 9.19
C PHE D 3 8.81 -18.40 8.25
N SER D 4 9.21 -18.29 7.00
CA SER D 4 8.97 -19.30 5.97
C SER D 4 10.25 -19.42 5.15
N LYS D 5 10.97 -20.53 5.31
CA LYS D 5 12.28 -20.70 4.71
C LYS D 5 12.21 -21.76 3.62
N MSE D 6 12.82 -21.46 2.47
CA MSE D 6 12.75 -22.35 1.31
C MSE D 6 14.13 -22.86 0.92
O MSE D 6 15.08 -22.09 0.79
CB MSE D 6 12.10 -21.61 0.14
CG MSE D 6 11.89 -22.46 -1.09
SE MSE D 6 10.24 -23.49 -1.04
CE MSE D 6 10.33 -24.28 -2.80
N SER D 7 14.24 -24.17 0.70
CA SER D 7 15.48 -24.80 0.24
C SER D 7 15.20 -25.50 -1.08
N ILE D 8 15.91 -25.08 -2.12
CA ILE D 8 15.68 -25.54 -3.49
C ILE D 8 16.98 -26.06 -4.07
N VAL D 9 16.92 -27.22 -4.72
CA VAL D 9 17.99 -27.74 -5.56
C VAL D 9 17.40 -27.98 -6.94
N GLY D 10 17.97 -27.34 -7.95
CA GLY D 10 17.46 -27.50 -9.30
C GLY D 10 18.34 -26.81 -10.31
N ARG D 11 17.87 -26.79 -11.55
CA ARG D 11 18.60 -26.20 -12.66
C ARG D 11 18.07 -24.79 -12.95
N ILE D 12 18.99 -23.86 -13.19
CA ILE D 12 18.61 -22.50 -13.55
C ILE D 12 18.15 -22.51 -15.01
N GLY D 13 16.86 -22.24 -15.23
CA GLY D 13 16.30 -22.30 -16.56
C GLY D 13 15.85 -20.94 -17.10
N SER D 14 16.69 -19.93 -16.93
CA SER D 14 16.40 -18.59 -17.43
C SER D 14 17.70 -17.79 -17.41
N GLU D 15 17.60 -16.51 -17.69
CA GLU D 15 18.73 -15.59 -17.64
C GLU D 15 18.57 -14.65 -16.45
N PHE D 16 19.66 -13.95 -16.13
CA PHE D 16 19.71 -13.07 -14.96
C PHE D 16 19.34 -11.66 -15.39
N THR D 17 18.05 -11.35 -15.33
CA THR D 17 17.54 -10.03 -15.67
C THR D 17 17.70 -9.07 -14.50
N GLU D 18 18.07 -7.83 -14.80
CA GLU D 18 18.34 -6.83 -13.77
C GLU D 18 17.22 -5.81 -13.68
N HIS D 19 16.90 -5.41 -12.45
CA HIS D 19 15.83 -4.44 -12.18
C HIS D 19 16.25 -3.54 -11.03
N THR D 20 15.39 -2.58 -10.70
CA THR D 20 15.62 -1.69 -9.57
C THR D 20 14.37 -1.68 -8.68
N SER D 21 14.60 -1.44 -7.39
CA SER D 21 13.55 -1.62 -6.38
C SER D 21 13.08 -0.32 -5.74
N ALA D 22 13.62 0.82 -6.16
CA ALA D 22 13.28 2.12 -5.59
C ALA D 22 13.50 2.15 -4.09
N ASN D 25 17.89 0.57 -4.69
CA ASN D 25 18.62 -0.69 -4.65
C ASN D 25 18.28 -1.53 -5.89
N ARG D 26 19.32 -2.02 -6.57
CA ARG D 26 19.12 -2.87 -7.72
C ARG D 26 19.03 -4.33 -7.29
N TYR D 27 18.24 -5.10 -8.03
CA TYR D 27 18.10 -6.53 -7.78
C TYR D 27 17.97 -7.23 -9.12
N LEU D 28 18.11 -8.55 -9.10
CA LEU D 28 17.98 -9.37 -10.31
C LEU D 28 17.11 -10.58 -10.03
N LYS D 29 16.54 -11.13 -11.11
CA LYS D 29 15.62 -12.26 -11.02
C LYS D 29 16.03 -13.34 -12.00
N TYR D 30 15.66 -14.58 -11.67
CA TYR D 30 15.84 -15.71 -12.56
C TYR D 30 14.90 -16.81 -12.10
N SER D 31 14.91 -17.93 -12.82
CA SER D 31 14.03 -19.05 -12.53
C SER D 31 14.83 -20.33 -12.32
N ILE D 32 14.30 -21.21 -11.48
CA ILE D 32 14.90 -22.50 -11.21
C ILE D 32 13.89 -23.59 -11.53
N ALA D 33 14.32 -24.58 -12.30
CA ALA D 33 13.49 -25.74 -12.64
C ALA D 33 13.91 -26.90 -11.74
N SER D 34 13.06 -27.24 -10.78
CA SER D 34 13.30 -28.32 -9.84
C SER D 34 12.44 -29.53 -10.20
N GLN D 35 13.09 -30.67 -10.44
CA GLN D 35 12.39 -31.89 -10.82
C GLN D 35 12.97 -33.10 -10.09
N PRO D 36 12.30 -33.58 -9.02
CA PRO D 36 12.75 -34.84 -8.41
C PRO D 36 12.01 -36.05 -8.97
N ARG D 37 12.64 -37.22 -8.88
CA ARG D 37 12.05 -38.48 -9.33
C ARG D 37 11.56 -38.43 -10.78
N ASP D 39 12.04 -39.16 -14.35
CA ASP D 39 11.31 -37.98 -14.79
C ASP D 39 10.00 -37.84 -14.02
N GLY D 40 9.53 -36.61 -13.86
CA GLY D 40 8.29 -36.37 -13.14
C GLY D 40 7.89 -34.91 -13.09
N GLN D 41 7.20 -34.52 -12.02
CA GLN D 41 6.77 -33.13 -11.89
C GLN D 41 7.96 -32.19 -11.79
N THR D 42 7.93 -31.14 -12.59
CA THR D 42 8.95 -30.10 -12.56
C THR D 42 8.34 -28.81 -12.00
N ASN D 43 8.89 -28.35 -10.88
CA ASN D 43 8.40 -27.16 -10.21
C ASN D 43 9.22 -25.94 -10.63
N TRP D 44 8.53 -24.85 -10.93
CA TRP D 44 9.15 -23.62 -11.41
C TRP D 44 9.09 -22.58 -10.30
N TYR D 45 10.25 -22.05 -9.93
CA TYR D 45 10.36 -21.06 -8.86
C TYR D 45 11.07 -19.82 -9.37
N ASN D 46 10.53 -18.65 -9.02
CA ASN D 46 11.08 -17.37 -9.44
C ASN D 46 11.91 -16.80 -8.29
N ILE D 47 13.22 -16.77 -8.47
CA ILE D 47 14.15 -16.35 -7.42
C ILE D 47 14.46 -14.87 -7.58
N THR D 48 14.60 -14.18 -6.47
CA THR D 48 14.90 -12.76 -6.47
C THR D 48 16.15 -12.57 -5.63
N VAL D 49 17.14 -11.86 -6.14
CA VAL D 49 18.37 -11.63 -5.42
C VAL D 49 18.62 -10.17 -5.18
N PHE D 50 18.93 -9.81 -3.95
CA PHE D 50 19.16 -8.42 -3.58
C PHE D 50 20.51 -8.21 -2.95
N ASN D 51 21.16 -9.29 -2.56
CA ASN D 51 22.44 -9.16 -1.93
C ASN D 51 23.43 -8.92 -3.03
N GLU D 52 24.30 -7.94 -2.81
CA GLU D 52 25.31 -7.56 -3.77
C GLU D 52 26.22 -8.68 -4.17
N PRO D 53 27.08 -9.11 -3.27
CA PRO D 53 28.04 -10.16 -3.67
C PRO D 53 27.41 -11.33 -4.41
N GLN D 54 26.19 -11.71 -4.04
CA GLN D 54 25.54 -12.82 -4.73
C GLN D 54 25.05 -12.41 -6.11
N ILE D 55 24.77 -11.11 -6.30
CA ILE D 55 24.40 -10.61 -7.62
C ILE D 55 25.59 -10.72 -8.58
N ASN D 56 26.77 -10.28 -8.12
CA ASN D 56 27.96 -10.34 -8.95
C ASN D 56 28.39 -11.79 -9.22
N PHE D 57 28.08 -12.70 -8.30
CA PHE D 57 28.45 -14.10 -8.50
C PHE D 57 27.55 -14.77 -9.52
N LEU D 58 26.28 -14.37 -9.61
CA LEU D 58 25.36 -14.99 -10.56
C LEU D 58 25.61 -14.52 -11.98
N THR D 59 25.88 -13.23 -12.17
CA THR D 59 26.03 -12.70 -13.52
C THR D 59 27.34 -13.13 -14.16
N GLU D 60 28.43 -13.15 -13.38
CA GLU D 60 29.76 -13.36 -13.94
C GLU D 60 30.22 -14.80 -13.92
N TYR D 61 29.59 -15.67 -13.12
CA TYR D 61 30.05 -17.03 -12.96
C TYR D 61 29.02 -18.10 -13.30
N VAL D 62 27.73 -17.84 -13.07
CA VAL D 62 26.68 -18.84 -13.22
C VAL D 62 26.07 -18.70 -14.61
N ARG D 63 25.90 -19.83 -15.29
CA ARG D 63 25.28 -19.89 -16.61
C ARG D 63 23.96 -20.65 -16.54
N LYS D 64 23.21 -20.59 -17.63
CA LYS D 64 21.92 -21.26 -17.69
C LYS D 64 22.11 -22.77 -17.63
N GLY D 65 21.18 -23.44 -16.96
CA GLY D 65 21.25 -24.88 -16.79
C GLY D 65 22.10 -25.35 -15.63
N ALA D 66 22.60 -24.43 -14.81
CA ALA D 66 23.46 -24.81 -13.69
C ALA D 66 22.62 -25.40 -12.56
N LEU D 67 23.13 -26.50 -12.01
CA LEU D 67 22.51 -27.11 -10.83
C LEU D 67 22.94 -26.34 -9.59
N VAL D 68 21.99 -25.71 -8.93
CA VAL D 68 22.29 -24.83 -7.80
C VAL D 68 21.45 -25.23 -6.60
N TYR D 69 21.97 -24.94 -5.41
CA TYR D 69 21.27 -25.11 -4.15
C TYR D 69 21.05 -23.73 -3.54
N VAL D 70 19.80 -23.30 -3.47
CA VAL D 70 19.44 -21.94 -3.09
C VAL D 70 18.66 -21.97 -1.79
N GLU D 71 19.02 -21.11 -0.85
CA GLU D 71 18.24 -20.85 0.35
C GLU D 71 17.59 -19.47 0.19
N ALA D 72 16.26 -19.43 0.28
CA ALA D 72 15.52 -18.20 0.07
C ALA D 72 14.42 -18.05 1.09
N ASP D 73 14.20 -16.81 1.54
CA ASP D 73 13.06 -16.50 2.40
C ASP D 73 11.80 -16.45 1.56
N ALA D 74 10.76 -17.14 2.02
CA ALA D 74 9.51 -17.27 1.27
C ALA D 74 8.49 -16.26 1.77
N ALA D 75 7.81 -15.62 0.83
CA ALA D 75 6.72 -14.70 1.13
C ALA D 75 5.56 -14.99 0.19
N ASN D 76 4.34 -14.71 0.66
CA ASN D 76 3.13 -15.01 -0.09
C ASN D 76 2.14 -13.89 0.11
N TYR D 77 1.74 -13.23 -0.97
CA TYR D 77 0.74 -12.17 -0.93
C TYR D 77 -0.39 -12.50 -1.91
N VAL D 78 -1.61 -12.18 -1.50
CA VAL D 78 -2.82 -12.57 -2.22
C VAL D 78 -3.31 -11.39 -3.05
N PHE D 79 -3.64 -11.65 -4.31
CA PHE D 79 -4.32 -10.69 -5.17
C PHE D 79 -5.62 -11.30 -5.68
N GLU D 80 -6.54 -10.44 -6.09
CA GLU D 80 -7.87 -10.85 -6.53
C GLU D 80 -7.94 -10.79 -8.05
N ARG D 81 -8.33 -11.91 -8.66
CA ARG D 81 -8.57 -11.93 -10.10
C ARG D 81 -9.94 -11.34 -10.41
N ASP D 82 -10.16 -11.05 -11.71
CA ASP D 82 -11.41 -10.45 -12.13
C ASP D 82 -12.59 -11.39 -11.90
N ASP D 83 -12.37 -12.70 -12.03
CA ASP D 83 -13.44 -13.67 -11.81
C ASP D 83 -13.75 -13.89 -10.34
N GLY D 84 -12.83 -13.52 -9.45
CA GLY D 84 -13.06 -13.69 -8.01
C GLY D 84 -12.21 -14.78 -7.39
N LYS D 86 -9.30 -16.06 -5.86
CA LYS D 86 -8.10 -15.45 -5.29
C LYS D 86 -6.87 -15.76 -6.14
N GLY D 87 -5.70 -15.45 -5.61
CA GLY D 87 -4.44 -15.73 -6.29
C GLY D 87 -3.23 -15.41 -5.45
N THR D 88 -2.43 -16.42 -5.14
CA THR D 88 -1.23 -16.23 -4.35
C THR D 88 0.00 -16.33 -5.25
N THR D 89 0.95 -15.41 -5.04
CA THR D 89 2.19 -15.38 -5.79
C THR D 89 3.34 -15.63 -4.82
N LEU D 90 4.15 -16.65 -5.10
CA LEU D 90 5.25 -17.01 -4.22
C LEU D 90 6.45 -16.10 -4.50
N SER D 91 6.97 -15.49 -3.44
CA SER D 91 8.15 -14.63 -3.51
C SER D 91 9.30 -15.31 -2.80
N LEU D 92 10.44 -15.44 -3.48
CA LEU D 92 11.61 -16.12 -2.94
C LEU D 92 12.81 -15.19 -3.07
N VAL D 93 13.20 -14.57 -1.97
CA VAL D 93 14.38 -13.70 -1.93
C VAL D 93 15.58 -14.57 -1.55
N GLN D 94 16.48 -14.78 -2.50
CA GLN D 94 17.64 -15.63 -2.27
C GLN D 94 18.54 -15.05 -1.20
N LYS D 95 18.93 -15.88 -0.23
CA LYS D 95 19.84 -15.49 0.82
C LYS D 95 21.23 -16.10 0.69
N ASP D 96 21.36 -17.23 0.00
CA ASP D 96 22.65 -17.87 -0.24
C ASP D 96 22.47 -18.90 -1.34
N ILE D 97 23.58 -19.22 -2.00
CA ILE D 97 23.55 -20.16 -3.12
C ILE D 97 24.87 -20.92 -3.15
N ASN D 98 24.80 -22.19 -3.58
CA ASN D 98 25.97 -23.03 -3.78
C ASN D 98 25.88 -23.66 -5.15
N LEU D 99 26.89 -23.39 -5.99
CA LEU D 99 26.93 -23.92 -7.35
C LEU D 99 27.37 -25.37 -7.31
N LEU D 100 26.44 -26.29 -7.58
CA LEU D 100 26.78 -27.71 -7.60
C LEU D 100 27.49 -28.08 -8.90
N LYS D 101 26.93 -27.70 -10.04
CA LYS D 101 27.58 -27.86 -11.33
C LYS D 101 27.09 -26.77 -12.27
N ASN D 102 28.02 -26.05 -12.88
CA ASN D 102 27.68 -24.94 -13.75
C ASN D 102 27.14 -25.45 -15.08
N GLY D 103 26.60 -24.52 -15.88
CA GLY D 103 26.06 -24.86 -17.18
C GLY D 103 27.14 -25.14 -18.22
N MSE E 1 -11.56 9.98 27.06
CA MSE E 1 -11.30 8.60 27.48
C MSE E 1 -12.58 7.89 27.84
O MSE E 1 -13.05 7.03 27.09
CB MSE E 1 -10.32 8.58 28.66
CG MSE E 1 -9.85 7.20 29.04
SE MSE E 1 -8.30 7.27 30.21
CE MSE E 1 -9.08 8.24 31.72
N ASP E 2 -13.16 8.24 28.98
CA ASP E 2 -14.51 7.82 29.29
C ASP E 2 -15.47 8.43 28.26
N PHE E 3 -16.20 7.57 27.55
CA PHE E 3 -17.12 8.07 26.54
C PHE E 3 -18.30 7.13 26.39
N SER E 4 -19.36 7.66 25.80
CA SER E 4 -20.56 6.89 25.49
C SER E 4 -21.10 7.44 24.16
N LYS E 5 -20.77 6.77 23.07
CA LYS E 5 -21.17 7.16 21.73
C LYS E 5 -22.08 6.10 21.14
N MSE E 6 -23.11 6.53 20.41
CA MSE E 6 -24.04 5.60 19.80
C MSE E 6 -24.08 5.75 18.28
O MSE E 6 -23.97 6.85 17.75
CB MSE E 6 -25.44 5.79 20.38
CG MSE E 6 -26.14 4.49 20.73
SE MSE E 6 -28.07 4.55 20.53
CE MSE E 6 -28.51 5.87 21.88
N SER E 7 -24.24 4.62 17.59
CA SER E 7 -24.41 4.58 16.15
C SER E 7 -25.80 4.06 15.83
N ILE E 8 -26.54 4.80 15.00
CA ILE E 8 -27.94 4.50 14.73
C ILE E 8 -28.18 4.57 13.22
N VAL E 9 -28.87 3.57 12.70
CA VAL E 9 -29.39 3.58 11.34
C VAL E 9 -30.92 3.51 11.42
N GLY E 10 -31.59 4.48 10.83
CA GLY E 10 -33.03 4.51 10.88
C GLY E 10 -33.58 5.61 10.00
N ARG E 11 -34.88 5.84 10.14
CA ARG E 11 -35.60 6.82 9.35
C ARG E 11 -35.99 8.00 10.23
N ILE E 12 -35.73 9.21 9.72
CA ILE E 12 -36.11 10.44 10.43
C ILE E 12 -37.62 10.57 10.38
N GLY E 13 -38.29 10.26 11.49
CA GLY E 13 -39.74 10.24 11.53
C GLY E 13 -40.38 11.52 12.03
N SER E 14 -39.70 12.64 11.84
CA SER E 14 -40.24 13.94 12.25
C SER E 14 -39.58 15.03 11.40
N GLU E 15 -39.92 16.27 11.71
CA GLU E 15 -39.36 17.43 11.04
C GLU E 15 -38.22 18.01 11.88
N PHE E 16 -37.57 19.03 11.32
CA PHE E 16 -36.44 19.69 11.96
C PHE E 16 -36.94 20.93 12.69
N THR E 17 -36.82 20.94 14.01
CA THR E 17 -37.30 22.03 14.84
C THR E 17 -36.11 22.68 15.54
N GLU E 18 -35.99 24.00 15.43
CA GLU E 18 -34.94 24.76 16.09
C GLU E 18 -35.39 25.19 17.46
N HIS E 19 -34.43 25.30 18.38
CA HIS E 19 -34.73 25.62 19.78
C HIS E 19 -33.67 26.58 20.31
N THR E 20 -33.53 26.59 21.64
CA THR E 20 -32.49 27.35 22.32
C THR E 20 -31.99 26.52 23.49
N SER E 21 -30.67 26.36 23.58
CA SER E 21 -30.08 25.48 24.57
C SER E 21 -30.25 26.07 25.98
N ALA E 22 -29.81 25.29 26.97
CA ALA E 22 -29.83 25.76 28.35
C ALA E 22 -28.83 26.88 28.56
N ASN E 23 -27.74 26.89 27.81
CA ASN E 23 -26.72 27.93 27.87
C ASN E 23 -26.89 28.96 26.74
N ASN E 24 -28.09 29.06 26.18
CA ASN E 24 -28.38 29.93 25.05
C ASN E 24 -27.49 29.59 23.84
N ASN E 25 -27.79 28.44 23.25
CA ASN E 25 -27.11 27.99 22.04
C ASN E 25 -28.14 27.44 21.08
N ARG E 26 -27.88 27.62 19.78
CA ARG E 26 -28.80 27.18 18.74
C ARG E 26 -28.53 25.73 18.40
N TYR E 27 -29.59 24.91 18.39
CA TYR E 27 -29.47 23.51 18.01
C TYR E 27 -30.72 23.08 17.26
N LEU E 28 -30.61 21.94 16.59
CA LEU E 28 -31.70 21.34 15.84
C LEU E 28 -32.11 20.02 16.50
N LYS E 29 -33.39 19.67 16.37
CA LYS E 29 -33.93 18.50 17.03
C LYS E 29 -34.82 17.72 16.07
N TYR E 30 -34.70 16.41 16.12
CA TYR E 30 -35.53 15.51 15.30
C TYR E 30 -35.49 14.13 15.93
N SER E 31 -36.28 13.21 15.35
CA SER E 31 -36.38 11.85 15.86
C SER E 31 -35.96 10.86 14.78
N ILE E 32 -35.62 9.65 15.23
CA ILE E 32 -35.20 8.56 14.35
C ILE E 32 -35.89 7.29 14.80
N ALA E 33 -36.64 6.65 13.91
CA ALA E 33 -37.29 5.38 14.18
C ALA E 33 -36.40 4.24 13.69
N SER E 34 -36.13 3.29 14.58
CA SER E 34 -35.22 2.18 14.29
C SER E 34 -35.88 0.87 14.67
N GLN E 35 -36.05 -0.02 13.70
CA GLN E 35 -36.60 -1.36 13.94
C GLN E 35 -35.59 -2.38 13.44
N PRO E 36 -34.76 -2.96 14.32
CA PRO E 36 -33.70 -3.86 13.85
C PRO E 36 -34.20 -5.13 13.18
N ARG E 37 -35.39 -5.60 13.54
CA ARG E 37 -35.93 -6.82 12.97
C ARG E 37 -37.36 -6.61 12.52
N ARG E 38 -37.76 -7.35 11.48
CA ARG E 38 -39.08 -7.18 10.89
C ARG E 38 -40.22 -7.52 11.84
N ASP E 39 -39.93 -8.19 12.96
CA ASP E 39 -40.95 -8.55 13.94
C ASP E 39 -40.61 -8.11 15.35
N GLY E 40 -39.49 -7.42 15.56
CA GLY E 40 -39.01 -7.07 16.89
C GLY E 40 -39.46 -5.70 17.34
N GLN E 41 -38.72 -5.16 18.31
CA GLN E 41 -39.05 -3.88 18.92
C GLN E 41 -38.68 -2.73 18.00
N THR E 42 -39.55 -1.72 17.97
CA THR E 42 -39.27 -0.46 17.29
C THR E 42 -38.76 0.55 18.32
N ASN E 43 -37.62 1.17 18.02
CA ASN E 43 -36.98 2.11 18.93
C ASN E 43 -37.07 3.53 18.37
N TRP E 44 -37.26 4.49 19.27
CA TRP E 44 -37.30 5.90 18.92
C TRP E 44 -36.18 6.63 19.65
N TYR E 45 -35.40 7.40 18.91
CA TYR E 45 -34.31 8.19 19.46
C TYR E 45 -34.45 9.64 19.02
N ASN E 46 -34.22 10.56 19.95
CA ASN E 46 -34.30 11.99 19.69
C ASN E 46 -32.88 12.54 19.61
N ILE E 47 -32.56 13.20 18.51
CA ILE E 47 -31.21 13.65 18.20
C ILE E 47 -31.14 15.16 18.38
N THR E 48 -30.09 15.62 19.05
CA THR E 48 -29.80 17.05 19.20
C THR E 48 -28.57 17.38 18.37
N VAL E 49 -28.66 18.41 17.53
CA VAL E 49 -27.60 18.75 16.59
C VAL E 49 -27.12 20.16 16.93
N PHE E 50 -25.91 20.26 17.48
CA PHE E 50 -25.29 21.55 17.76
C PHE E 50 -24.34 22.01 16.66
N ASN E 51 -23.68 21.07 15.96
CA ASN E 51 -22.75 21.42 14.90
C ASN E 51 -23.47 22.11 13.75
N GLU E 52 -23.18 23.40 13.54
CA GLU E 52 -23.89 24.17 12.53
C GLU E 52 -23.72 23.64 11.11
N PRO E 53 -22.52 23.21 10.65
CA PRO E 53 -22.44 22.61 9.31
C PRO E 53 -23.39 21.43 9.12
N GLN E 54 -23.60 20.62 10.15
CA GLN E 54 -24.56 19.52 10.04
C GLN E 54 -26.00 19.99 10.24
N ILE E 55 -26.20 21.15 10.86
CA ILE E 55 -27.55 21.72 10.94
C ILE E 55 -27.99 22.19 9.56
N ASN E 56 -27.11 22.90 8.85
CA ASN E 56 -27.45 23.39 7.51
C ASN E 56 -27.58 22.24 6.52
N PHE E 57 -26.86 21.15 6.73
CA PHE E 57 -26.98 20.01 5.83
C PHE E 57 -28.34 19.33 5.97
N LEU E 58 -28.86 19.26 7.20
CA LEU E 58 -30.14 18.60 7.42
C LEU E 58 -31.29 19.41 6.81
N THR E 59 -31.30 20.72 7.06
CA THR E 59 -32.42 21.54 6.63
C THR E 59 -32.44 21.76 5.12
N GLU E 60 -31.26 21.82 4.48
CA GLU E 60 -31.18 22.13 3.06
C GLU E 60 -31.22 20.90 2.18
N TYR E 61 -30.94 19.71 2.73
CA TYR E 61 -30.87 18.48 1.93
C TYR E 61 -31.83 17.42 2.41
N VAL E 62 -31.81 17.11 3.70
CA VAL E 62 -32.55 15.96 4.23
C VAL E 62 -34.02 16.30 4.34
N ARG E 63 -34.88 15.38 3.90
CA ARG E 63 -36.32 15.49 4.01
C ARG E 63 -36.82 14.45 5.02
N LYS E 64 -38.05 14.65 5.48
CA LYS E 64 -38.63 13.74 6.46
C LYS E 64 -38.75 12.34 5.89
N GLY E 65 -38.47 11.34 6.74
CA GLY E 65 -38.53 9.96 6.33
C GLY E 65 -37.24 9.42 5.72
N ALA E 66 -36.19 10.22 5.67
CA ALA E 66 -34.95 9.78 5.05
C ALA E 66 -34.22 8.77 5.93
N LEU E 67 -33.55 7.82 5.27
CA LEU E 67 -32.73 6.83 5.96
C LEU E 67 -31.34 7.39 6.15
N VAL E 68 -30.89 7.49 7.41
CA VAL E 68 -29.63 8.12 7.73
C VAL E 68 -28.85 7.24 8.71
N TYR E 69 -27.52 7.36 8.64
CA TYR E 69 -26.60 6.73 9.58
C TYR E 69 -26.04 7.81 10.49
N VAL E 70 -26.36 7.74 11.78
CA VAL E 70 -26.06 8.80 12.73
C VAL E 70 -25.17 8.26 13.83
N GLU E 71 -24.08 8.98 14.09
CA GLU E 71 -23.22 8.74 15.25
C GLU E 71 -23.32 9.93 16.18
N ALA E 72 -23.66 9.68 17.44
CA ALA E 72 -23.93 10.75 18.39
C ALA E 72 -23.34 10.42 19.75
N ASP E 73 -22.77 11.43 20.40
CA ASP E 73 -22.36 11.29 21.79
C ASP E 73 -23.58 11.18 22.68
N ALA E 74 -23.52 10.29 23.67
CA ALA E 74 -24.65 9.98 24.52
C ALA E 74 -24.37 10.40 25.95
N ALA E 75 -25.33 11.07 26.57
CA ALA E 75 -25.28 11.42 27.98
C ALA E 75 -26.60 11.01 28.62
N ASN E 76 -26.53 10.63 29.90
CA ASN E 76 -27.69 10.14 30.64
C ASN E 76 -27.90 11.04 31.85
N TYR E 77 -28.86 11.95 31.75
CA TYR E 77 -29.16 12.87 32.83
C TYR E 77 -30.11 12.24 33.85
N THR E 88 -33.96 8.98 34.59
CA THR E 88 -32.93 9.58 33.76
C THR E 88 -33.48 10.00 32.41
N THR E 89 -32.66 10.72 31.64
CA THR E 89 -33.03 11.15 30.29
C THR E 89 -31.82 11.02 29.38
N LEU E 90 -32.00 10.36 28.25
CA LEU E 90 -30.91 10.12 27.30
C LEU E 90 -30.81 11.28 26.33
N SER E 91 -29.61 11.85 26.23
CA SER E 91 -29.31 12.92 25.28
C SER E 91 -28.36 12.42 24.21
N LEU E 92 -28.61 12.81 22.97
CA LEU E 92 -27.84 12.36 21.82
C LEU E 92 -27.43 13.58 21.00
N VAL E 93 -26.16 13.96 21.12
CA VAL E 93 -25.61 15.10 20.39
C VAL E 93 -24.97 14.56 19.11
N GLN E 94 -25.54 14.93 17.96
CA GLN E 94 -25.07 14.41 16.69
C GLN E 94 -23.67 14.92 16.38
N LYS E 95 -22.76 14.00 16.05
CA LYS E 95 -21.40 14.34 15.67
C LYS E 95 -21.08 14.06 14.21
N ASP E 96 -21.82 13.17 13.55
CA ASP E 96 -21.61 12.87 12.14
C ASP E 96 -22.86 12.20 11.60
N ILE E 97 -23.11 12.38 10.31
CA ILE E 97 -24.28 11.81 9.65
C ILE E 97 -23.91 11.45 8.22
N ASN E 98 -24.57 10.42 7.69
CA ASN E 98 -24.43 10.02 6.30
C ASN E 98 -25.81 9.68 5.76
N LEU E 99 -26.20 10.33 4.66
CA LEU E 99 -27.52 10.13 4.08
C LEU E 99 -27.51 8.87 3.21
N LEU E 100 -28.14 7.81 3.71
CA LEU E 100 -28.21 6.56 2.96
C LEU E 100 -29.19 6.70 1.79
N LYS E 101 -30.46 6.93 2.10
CA LYS E 101 -31.48 7.15 1.08
C LYS E 101 -32.41 8.24 1.57
N ASN E 102 -32.59 9.27 0.75
CA ASN E 102 -33.38 10.43 1.15
C ASN E 102 -34.86 10.09 1.17
N GLY E 103 -35.66 11.00 1.74
CA GLY E 103 -37.10 10.86 1.77
C GLY E 103 -37.77 11.75 0.73
N LYS E 104 -39.09 11.58 0.62
CA LYS E 104 -39.87 12.36 -0.33
C LYS E 104 -39.90 13.83 0.08
N MSE F 1 -10.55 -7.55 22.73
CA MSE F 1 -11.82 -7.17 22.14
C MSE F 1 -11.61 -6.13 21.05
O MSE F 1 -12.29 -5.10 21.01
CB MSE F 1 -12.78 -6.64 23.22
CG MSE F 1 -14.25 -6.81 22.88
SE MSE F 1 -15.13 -5.17 22.31
CE MSE F 1 -15.40 -4.34 24.05
N ASP F 2 -10.64 -6.38 20.17
CA ASP F 2 -10.37 -5.51 19.06
C ASP F 2 -11.29 -5.84 17.89
N PHE F 3 -11.53 -4.84 17.04
CA PHE F 3 -12.31 -5.07 15.83
C PHE F 3 -11.94 -4.02 14.80
N SER F 4 -12.43 -4.26 13.57
CA SER F 4 -12.26 -3.32 12.46
C SER F 4 -13.46 -3.53 11.52
N LYS F 5 -14.57 -2.88 11.86
CA LYS F 5 -15.77 -2.97 11.03
C LYS F 5 -15.71 -1.95 9.90
N MSE F 6 -16.50 -2.20 8.87
CA MSE F 6 -16.56 -1.29 7.73
C MSE F 6 -17.99 -1.12 7.20
O MSE F 6 -18.68 -2.10 6.93
CB MSE F 6 -15.64 -1.77 6.60
CG MSE F 6 -14.44 -0.86 6.36
SE MSE F 6 -14.53 0.09 4.66
CE MSE F 6 -13.73 -1.25 3.50
N SER F 7 -18.41 0.13 7.06
CA SER F 7 -19.71 0.48 6.53
C SER F 7 -19.52 1.08 5.14
N ILE F 8 -20.18 0.50 4.14
CA ILE F 8 -20.02 0.89 2.76
C ILE F 8 -21.39 1.10 2.13
N VAL F 9 -21.53 2.16 1.34
CA VAL F 9 -22.68 2.39 0.50
C VAL F 9 -22.18 2.64 -0.92
N GLY F 10 -22.66 1.83 -1.86
CA GLY F 10 -22.22 1.97 -3.24
C GLY F 10 -23.06 1.13 -4.16
N ARG F 11 -22.58 1.00 -5.39
CA ARG F 11 -23.26 0.25 -6.44
C ARG F 11 -22.58 -1.10 -6.62
N ILE F 12 -23.39 -2.16 -6.70
CA ILE F 12 -22.85 -3.49 -7.00
C ILE F 12 -22.44 -3.50 -8.47
N GLY F 13 -21.14 -3.52 -8.72
CA GLY F 13 -20.64 -3.44 -10.09
C GLY F 13 -20.04 -4.71 -10.63
N SER F 14 -20.51 -5.86 -10.14
CA SER F 14 -20.02 -7.15 -10.61
C SER F 14 -21.10 -8.20 -10.42
N GLU F 15 -20.85 -9.38 -10.95
CA GLU F 15 -21.73 -10.51 -10.77
C GLU F 15 -21.40 -11.24 -9.47
N PHE F 16 -22.32 -12.11 -9.04
CA PHE F 16 -22.12 -12.92 -7.86
C PHE F 16 -21.46 -14.23 -8.28
N THR F 17 -20.22 -14.44 -7.87
CA THR F 17 -19.45 -15.63 -8.22
C THR F 17 -19.24 -16.46 -6.97
N GLU F 18 -19.64 -17.72 -7.01
CA GLU F 18 -19.45 -18.64 -5.89
C GLU F 18 -18.12 -19.36 -6.01
N HIS F 19 -17.54 -19.67 -4.85
CA HIS F 19 -16.24 -20.32 -4.82
C HIS F 19 -16.21 -21.44 -3.77
N ARG F 26 -18.83 -23.11 0.54
CA ARG F 26 -19.55 -22.33 -0.46
C ARG F 26 -19.81 -20.92 0.03
N TYR F 27 -19.30 -19.94 -0.71
CA TYR F 27 -19.48 -18.54 -0.33
C TYR F 27 -19.60 -17.69 -1.60
N LEU F 28 -20.22 -16.53 -1.44
CA LEU F 28 -20.47 -15.61 -2.54
C LEU F 28 -19.44 -14.49 -2.54
N LYS F 29 -19.20 -13.93 -3.73
CA LYS F 29 -18.27 -12.81 -3.87
C LYS F 29 -18.81 -11.83 -4.90
N TYR F 30 -18.74 -10.54 -4.56
CA TYR F 30 -19.13 -9.48 -5.48
C TYR F 30 -18.33 -8.22 -5.11
N SER F 31 -18.48 -7.19 -5.93
CA SER F 31 -17.75 -5.95 -5.74
C SER F 31 -18.72 -4.78 -5.58
N ILE F 32 -18.23 -3.72 -4.96
CA ILE F 32 -19.00 -2.51 -4.72
C ILE F 32 -18.19 -1.32 -5.21
N ALA F 33 -18.82 -0.48 -6.03
CA ALA F 33 -18.21 0.76 -6.51
C ALA F 33 -18.73 1.91 -5.66
N SER F 34 -17.73 2.62 -5.13
CA SER F 34 -17.84 3.79 -4.27
C SER F 34 -16.95 4.92 -4.72
N GLN F 35 -17.50 6.11 -4.89
CA GLN F 35 -16.72 7.27 -5.27
C GLN F 35 -17.24 8.47 -4.51
N PRO F 36 -16.58 8.80 -3.41
CA PRO F 36 -17.02 9.91 -2.58
C PRO F 36 -17.20 11.23 -3.28
N ARG F 37 -16.39 11.56 -4.26
CA ARG F 37 -16.53 12.85 -4.92
C ARG F 37 -16.60 12.74 -6.44
N GLY F 40 -13.81 12.31 -8.06
CA GLY F 40 -12.52 11.74 -8.28
C GLY F 40 -12.35 10.29 -7.94
N GLN F 41 -11.33 9.99 -7.18
CA GLN F 41 -11.03 8.59 -6.90
C GLN F 41 -12.21 7.68 -6.69
N THR F 42 -12.22 6.56 -7.36
CA THR F 42 -13.28 5.62 -7.23
C THR F 42 -12.72 4.38 -6.63
N ASN F 43 -13.22 3.98 -5.47
CA ASN F 43 -12.74 2.78 -4.84
C ASN F 43 -13.71 1.66 -5.13
N TRP F 44 -13.14 0.48 -5.15
CA TRP F 44 -13.61 -0.84 -5.55
C TRP F 44 -13.34 -1.81 -4.41
N TYR F 45 -14.40 -2.23 -3.74
CA TYR F 45 -14.31 -3.13 -2.59
C TYR F 45 -14.87 -4.49 -2.94
N ASN F 46 -14.10 -5.54 -2.65
CA ASN F 46 -14.51 -6.92 -2.90
C ASN F 46 -15.14 -7.49 -1.63
N ILE F 47 -16.39 -7.90 -1.72
CA ILE F 47 -17.17 -8.36 -0.56
C ILE F 47 -17.23 -9.89 -0.58
N THR F 48 -17.04 -10.48 0.59
CA THR F 48 -17.16 -11.92 0.78
C THR F 48 -18.36 -12.21 1.67
N VAL F 49 -19.21 -13.14 1.23
CA VAL F 49 -20.45 -13.46 1.94
C VAL F 49 -20.47 -14.94 2.25
N PHE F 50 -20.47 -15.27 3.55
CA PHE F 50 -20.59 -16.65 4.00
C PHE F 50 -21.98 -16.98 4.53
N ASN F 51 -22.71 -16.00 5.05
CA ASN F 51 -24.04 -16.24 5.63
C ASN F 51 -25.01 -16.63 4.52
N GLU F 52 -25.48 -17.88 4.57
CA GLU F 52 -26.33 -18.38 3.49
C GLU F 52 -27.65 -17.65 3.35
N PRO F 53 -28.35 -17.23 4.42
CA PRO F 53 -29.58 -16.44 4.21
C PRO F 53 -29.35 -15.18 3.39
N GLN F 54 -28.20 -14.53 3.54
CA GLN F 54 -27.91 -13.34 2.76
C GLN F 54 -27.37 -13.66 1.37
N ILE F 55 -26.83 -14.86 1.17
CA ILE F 55 -26.39 -15.27 -0.17
C ILE F 55 -27.58 -15.43 -1.09
N ASN F 56 -28.63 -16.11 -0.60
CA ASN F 56 -29.82 -16.31 -1.43
C ASN F 56 -30.54 -15.00 -1.70
N PHE F 57 -30.53 -14.07 -0.75
CA PHE F 57 -31.13 -12.76 -0.99
C PHE F 57 -30.40 -12.01 -2.09
N LEU F 58 -29.09 -12.23 -2.23
CA LEU F 58 -28.32 -11.55 -3.27
C LEU F 58 -28.53 -12.22 -4.63
N THR F 59 -28.43 -13.55 -4.68
CA THR F 59 -28.48 -14.25 -5.96
C THR F 59 -29.87 -14.21 -6.59
N GLU F 60 -30.92 -14.06 -5.77
CA GLU F 60 -32.29 -14.08 -6.26
C GLU F 60 -32.87 -12.69 -6.49
N TYR F 61 -32.76 -11.80 -5.51
CA TYR F 61 -33.44 -10.51 -5.56
C TYR F 61 -32.55 -9.37 -6.03
N VAL F 62 -31.26 -9.39 -5.70
CA VAL F 62 -30.36 -8.29 -6.01
C VAL F 62 -29.75 -8.52 -7.38
N ARG F 63 -29.73 -7.47 -8.20
CA ARG F 63 -29.15 -7.52 -9.53
C ARG F 63 -27.95 -6.59 -9.62
N LYS F 64 -27.16 -6.77 -10.68
CA LYS F 64 -25.98 -5.95 -10.89
C LYS F 64 -26.38 -4.49 -11.10
N GLY F 65 -25.66 -3.58 -10.45
CA GLY F 65 -25.97 -2.18 -10.49
C GLY F 65 -26.82 -1.69 -9.33
N ALA F 66 -27.08 -2.54 -8.35
CA ALA F 66 -27.94 -2.16 -7.23
C ALA F 66 -27.17 -1.32 -6.23
N LEU F 67 -27.84 -0.28 -5.72
CA LEU F 67 -27.29 0.55 -4.66
C LEU F 67 -27.58 -0.10 -3.32
N VAL F 68 -26.52 -0.48 -2.59
CA VAL F 68 -26.67 -1.26 -1.37
C VAL F 68 -25.89 -0.60 -0.24
N TYR F 69 -26.32 -0.89 0.98
CA TYR F 69 -25.61 -0.48 2.20
C TYR F 69 -25.12 -1.75 2.88
N VAL F 70 -23.80 -1.88 3.02
CA VAL F 70 -23.15 -3.10 3.48
C VAL F 70 -22.31 -2.79 4.71
N GLU F 71 -22.48 -3.58 5.76
CA GLU F 71 -21.61 -3.57 6.92
C GLU F 71 -20.86 -4.89 6.97
N ALA F 72 -19.53 -4.83 6.92
CA ALA F 72 -18.69 -6.02 6.82
C ALA F 72 -17.53 -5.95 7.81
N ASP F 73 -17.11 -7.12 8.27
CA ASP F 73 -15.91 -7.23 9.08
C ASP F 73 -14.67 -7.14 8.19
N ALA F 74 -13.75 -6.24 8.53
CA ALA F 74 -12.58 -5.99 7.72
C ALA F 74 -11.36 -6.68 8.33
N ALA F 75 -10.67 -7.47 7.52
CA ALA F 75 -9.38 -8.05 7.87
C ALA F 75 -8.35 -7.51 6.89
N ASN F 76 -7.19 -7.12 7.43
CA ASN F 76 -6.18 -6.45 6.62
C ASN F 76 -4.80 -6.84 7.10
N TYR F 77 -3.89 -7.03 6.14
CA TYR F 77 -2.49 -7.26 6.48
C TYR F 77 -1.62 -6.74 5.34
N VAL F 78 -0.65 -5.89 5.69
CA VAL F 78 0.18 -5.23 4.69
C VAL F 78 1.15 -6.22 4.07
N PHE F 79 1.80 -5.82 3.00
CA PHE F 79 2.83 -6.64 2.35
C PHE F 79 3.64 -5.75 1.43
N GLU F 80 4.96 -5.87 1.50
CA GLU F 80 5.85 -5.23 0.53
C GLU F 80 6.19 -6.26 -0.54
N ARG F 81 6.02 -5.87 -1.80
CA ARG F 81 6.11 -6.80 -2.91
C ARG F 81 7.56 -7.26 -3.11
N ASP F 82 7.76 -8.06 -4.16
CA ASP F 82 9.11 -8.53 -4.48
C ASP F 82 10.02 -7.38 -4.85
N ASP F 83 9.49 -6.37 -5.56
CA ASP F 83 10.25 -5.19 -5.92
C ASP F 83 10.28 -4.14 -4.83
N GLY F 84 9.66 -4.40 -3.68
CA GLY F 84 9.65 -3.46 -2.58
C GLY F 84 8.41 -2.59 -2.48
N SER F 85 7.49 -2.70 -3.43
CA SER F 85 6.28 -1.88 -3.37
C SER F 85 5.33 -2.39 -2.31
N LYS F 86 4.76 -1.47 -1.54
CA LYS F 86 3.87 -1.83 -0.44
C LYS F 86 2.47 -2.18 -0.98
N GLY F 87 1.59 -2.55 -0.06
CA GLY F 87 0.23 -2.92 -0.42
C GLY F 87 -0.48 -3.63 0.71
N THR F 88 -1.80 -3.74 0.62
CA THR F 88 -2.60 -4.39 1.64
C THR F 88 -3.57 -5.37 1.01
N THR F 89 -3.86 -6.44 1.74
CA THR F 89 -4.82 -7.45 1.33
C THR F 89 -6.05 -7.29 2.23
N LEU F 90 -7.06 -6.58 1.72
CA LEU F 90 -8.23 -6.21 2.49
C LEU F 90 -9.34 -7.23 2.26
N SER F 91 -9.73 -7.94 3.32
CA SER F 91 -10.85 -8.86 3.27
C SER F 91 -12.08 -8.21 3.90
N LEU F 92 -13.25 -8.46 3.31
CA LEU F 92 -14.51 -7.86 3.77
C LEU F 92 -15.57 -8.96 3.80
N VAL F 93 -15.88 -9.44 5.00
CA VAL F 93 -16.89 -10.47 5.20
C VAL F 93 -18.20 -9.78 5.55
N GLN F 94 -19.16 -9.83 4.63
CA GLN F 94 -20.44 -9.15 4.85
C GLN F 94 -21.19 -9.79 6.00
N LYS F 95 -21.65 -8.96 6.94
CA LYS F 95 -22.47 -9.41 8.05
C LYS F 95 -23.93 -9.04 7.90
N ASP F 96 -24.23 -7.97 7.17
CA ASP F 96 -25.61 -7.56 6.93
C ASP F 96 -25.63 -6.63 5.73
N ILE F 97 -26.80 -6.53 5.10
CA ILE F 97 -26.95 -5.73 3.90
C ILE F 97 -28.37 -5.17 3.85
N ASN F 98 -28.50 -3.97 3.29
CA ASN F 98 -29.79 -3.34 3.05
C ASN F 98 -29.84 -2.88 1.60
N LEU F 99 -30.87 -3.33 0.88
CA LEU F 99 -31.03 -2.96 -0.52
C LEU F 99 -31.72 -1.61 -0.60
N LEU F 100 -30.98 -0.59 -1.06
CA LEU F 100 -31.51 0.76 -1.21
C LEU F 100 -32.25 0.94 -2.53
N LYS F 101 -31.68 0.46 -3.62
CA LYS F 101 -32.32 0.51 -4.93
C LYS F 101 -31.70 -0.54 -5.83
N ASN F 102 -32.53 -1.40 -6.41
CA ASN F 102 -32.05 -2.48 -7.26
C ASN F 102 -31.67 -1.94 -8.63
N GLY F 103 -31.18 -2.83 -9.50
CA GLY F 103 -30.77 -2.45 -10.84
C GLY F 103 -31.85 -2.61 -11.88
N MSE G 1 -14.72 10.93 -18.60
CA MSE G 1 -13.94 9.70 -18.54
C MSE G 1 -12.45 10.00 -18.63
O MSE G 1 -11.98 10.63 -19.58
CB MSE G 1 -14.36 8.74 -19.66
CG MSE G 1 -15.19 9.39 -20.75
SE MSE G 1 -14.13 10.53 -21.93
CE MSE G 1 -12.92 9.17 -22.63
N ASP G 2 -11.70 9.54 -17.62
CA ASP G 2 -10.29 9.84 -17.52
C ASP G 2 -9.46 8.88 -18.38
N PHE G 3 -8.37 9.40 -18.91
CA PHE G 3 -7.42 8.57 -19.66
C PHE G 3 -6.06 9.25 -19.63
N SER G 4 -5.05 8.52 -20.13
CA SER G 4 -3.68 9.04 -20.22
C SER G 4 -3.00 8.31 -21.38
N LYS G 5 -3.20 8.83 -22.59
CA LYS G 5 -2.64 8.25 -23.80
C LYS G 5 -1.26 8.83 -24.09
N MSE G 6 -0.34 7.96 -24.51
CA MSE G 6 1.00 8.39 -24.87
C MSE G 6 1.32 8.02 -26.32
O MSE G 6 1.09 6.89 -26.75
CB MSE G 6 2.04 7.78 -23.92
CG MSE G 6 3.48 7.98 -24.39
SE MSE G 6 4.44 9.41 -23.47
CE MSE G 6 5.26 8.35 -22.06
N SER G 7 1.85 8.99 -27.07
CA SER G 7 2.26 8.78 -28.45
C SER G 7 3.77 9.00 -28.54
N ILE G 8 4.48 7.98 -29.02
CA ILE G 8 5.94 7.99 -29.06
C ILE G 8 6.40 7.66 -30.47
N VAL G 9 7.36 8.44 -30.98
CA VAL G 9 8.11 8.09 -32.18
C VAL G 9 9.57 7.98 -31.77
N GLY G 10 10.15 6.80 -31.96
CA GLY G 10 11.52 6.59 -31.55
C GLY G 10 12.07 5.31 -32.13
N ARG G 11 13.29 4.99 -31.72
CA ARG G 11 14.01 3.83 -32.21
C ARG G 11 14.05 2.75 -31.13
N ILE G 12 13.73 1.52 -31.52
CA ILE G 12 13.77 0.39 -30.59
C ILE G 12 15.21 0.08 -30.24
N GLY G 13 15.65 0.50 -29.06
CA GLY G 13 17.03 0.32 -28.65
C GLY G 13 17.26 -0.82 -27.68
N SER G 14 16.55 -1.93 -27.87
CA SER G 14 16.72 -3.09 -27.02
C SER G 14 16.13 -4.31 -27.73
N GLU G 15 16.41 -5.48 -27.19
CA GLU G 15 15.83 -6.71 -27.69
C GLU G 15 14.41 -6.88 -27.15
N PHE G 16 13.70 -7.86 -27.70
CA PHE G 16 12.34 -8.18 -27.27
C PHE G 16 12.43 -9.30 -26.25
N THR G 17 12.36 -8.94 -24.96
CA THR G 17 12.48 -9.90 -23.87
C THR G 17 11.09 -10.37 -23.47
N GLU G 18 10.88 -11.69 -23.49
CA GLU G 18 9.60 -12.27 -23.10
C GLU G 18 9.60 -12.58 -21.61
N HIS G 19 8.43 -12.42 -20.98
CA HIS G 19 8.28 -12.70 -19.56
C HIS G 19 7.07 -13.59 -19.31
N TYR G 27 4.05 -12.08 -21.78
CA TYR G 27 4.01 -10.74 -22.38
C TYR G 27 5.41 -10.29 -22.79
N LEU G 28 5.47 -9.23 -23.58
CA LEU G 28 6.72 -8.75 -24.15
C LEU G 28 7.10 -7.41 -23.52
N LYS G 29 8.40 -7.10 -23.59
CA LYS G 29 8.92 -5.86 -23.03
C LYS G 29 10.12 -5.41 -23.85
N TYR G 30 10.20 -4.11 -24.11
CA TYR G 30 11.32 -3.52 -24.84
C TYR G 30 11.38 -2.04 -24.48
N SER G 31 12.41 -1.37 -24.99
CA SER G 31 12.63 0.04 -24.73
C SER G 31 12.68 0.82 -26.03
N ILE G 32 12.24 2.07 -25.97
CA ILE G 32 12.24 2.98 -27.12
C ILE G 32 13.17 4.15 -26.82
N ALA G 33 14.08 4.42 -27.73
CA ALA G 33 14.97 5.58 -27.63
C ALA G 33 14.37 6.71 -28.45
N SER G 34 13.87 7.73 -27.76
CA SER G 34 13.23 8.88 -28.41
C SER G 34 14.10 10.11 -28.18
N GLN G 35 14.80 10.54 -29.23
CA GLN G 35 15.66 11.71 -29.18
C GLN G 35 15.07 12.82 -30.04
N PRO G 36 14.31 13.76 -29.47
CA PRO G 36 13.71 14.80 -30.31
C PRO G 36 14.71 15.74 -30.94
N ARG G 37 15.89 15.90 -30.34
CA ARG G 37 16.90 16.84 -30.82
C ARG G 37 18.21 16.09 -31.09
N ARG G 38 18.85 16.44 -32.20
CA ARG G 38 20.16 15.87 -32.51
C ARG G 38 21.15 16.13 -31.39
N ASP G 39 21.13 17.35 -30.83
CA ASP G 39 22.05 17.70 -29.76
C ASP G 39 21.53 17.26 -28.39
N GLY G 40 20.21 17.26 -28.20
CA GLY G 40 19.62 17.15 -26.88
C GLY G 40 19.56 15.75 -26.31
N GLN G 41 18.72 15.61 -25.28
CA GLN G 41 18.61 14.40 -24.47
C GLN G 41 17.85 13.31 -25.22
N THR G 42 18.18 12.06 -24.92
CA THR G 42 17.45 10.90 -25.41
C THR G 42 16.49 10.41 -24.33
N ASN G 43 15.23 10.22 -24.70
CA ASN G 43 14.21 9.71 -23.79
C ASN G 43 14.07 8.20 -23.96
N TRP G 44 14.07 7.47 -22.86
CA TRP G 44 13.92 6.03 -22.86
C TRP G 44 12.59 5.65 -22.21
N TYR G 45 11.79 4.86 -22.91
CA TYR G 45 10.48 4.44 -22.44
C TYR G 45 10.38 2.92 -22.51
N ASN G 46 10.06 2.29 -21.40
CA ASN G 46 9.87 0.85 -21.33
C ASN G 46 8.44 0.53 -21.76
N ILE G 47 8.31 -0.22 -22.85
CA ILE G 47 7.01 -0.53 -23.43
C ILE G 47 6.60 -1.94 -23.04
N THR G 48 5.40 -2.07 -22.51
CA THR G 48 4.82 -3.37 -22.17
C THR G 48 3.78 -3.73 -23.23
N VAL G 49 3.84 -4.96 -23.72
CA VAL G 49 2.94 -5.44 -24.77
C VAL G 49 2.25 -6.70 -24.28
N PHE G 50 0.94 -6.63 -24.10
CA PHE G 50 0.13 -7.81 -23.76
C PHE G 50 -0.62 -8.37 -24.96
N ASN G 51 -0.92 -7.53 -25.95
CA ASN G 51 -1.59 -7.97 -27.18
C ASN G 51 -0.68 -8.93 -27.96
N GLU G 52 -1.03 -10.21 -27.95
CA GLU G 52 -0.21 -11.23 -28.62
C GLU G 52 -0.16 -11.06 -30.13
N PRO G 53 -1.27 -10.71 -30.81
CA PRO G 53 -1.16 -10.39 -32.24
C PRO G 53 -0.12 -9.32 -32.54
N GLN G 54 0.10 -8.38 -31.63
CA GLN G 54 1.17 -7.40 -31.78
C GLN G 54 2.49 -7.87 -31.17
N ILE G 55 2.45 -8.89 -30.30
CA ILE G 55 3.69 -9.49 -29.82
C ILE G 55 4.37 -10.26 -30.94
N ASN G 56 3.60 -11.08 -31.66
CA ASN G 56 4.17 -11.84 -32.77
C ASN G 56 4.67 -10.92 -33.88
N PHE G 57 4.03 -9.77 -34.07
CA PHE G 57 4.49 -8.83 -35.08
C PHE G 57 5.82 -8.22 -34.70
N LEU G 58 6.04 -7.96 -33.41
CA LEU G 58 7.29 -7.33 -32.97
C LEU G 58 8.46 -8.30 -33.10
N THR G 59 8.27 -9.54 -32.65
CA THR G 59 9.39 -10.48 -32.60
C THR G 59 9.76 -11.00 -33.98
N GLU G 60 8.76 -11.19 -34.85
CA GLU G 60 8.97 -11.88 -36.12
C GLU G 60 9.03 -10.93 -37.31
N TYR G 61 8.95 -9.62 -37.09
CA TYR G 61 9.00 -8.66 -38.20
C TYR G 61 9.82 -7.41 -37.90
N VAL G 62 10.00 -7.03 -36.64
CA VAL G 62 10.70 -5.79 -36.27
C VAL G 62 12.06 -6.14 -35.69
N ARG G 63 13.08 -5.40 -36.10
CA ARG G 63 14.44 -5.59 -35.61
C ARG G 63 14.85 -4.43 -34.71
N LYS G 64 15.93 -4.65 -33.97
CA LYS G 64 16.45 -3.62 -33.08
C LYS G 64 16.89 -2.40 -33.90
N GLY G 65 16.68 -1.21 -33.33
CA GLY G 65 17.01 0.02 -34.01
C GLY G 65 15.98 0.51 -35.00
N ALA G 66 14.83 -0.16 -35.09
CA ALA G 66 13.79 0.26 -36.03
C ALA G 66 13.07 1.48 -35.52
N LEU G 67 12.72 2.38 -36.44
CA LEU G 67 11.94 3.57 -36.10
C LEU G 67 10.46 3.22 -36.11
N VAL G 68 9.81 3.37 -34.96
CA VAL G 68 8.41 2.99 -34.80
C VAL G 68 7.63 4.16 -34.20
N TYR G 69 6.32 4.16 -34.45
CA TYR G 69 5.39 5.05 -33.79
C TYR G 69 4.42 4.20 -32.99
N VAL G 70 4.35 4.47 -31.69
CA VAL G 70 3.64 3.63 -30.73
C VAL G 70 2.59 4.46 -30.02
N GLU G 71 1.38 3.93 -29.92
CA GLU G 71 0.34 4.48 -29.05
C GLU G 71 0.21 3.55 -27.85
N ALA G 72 0.39 4.11 -26.66
CA ALA G 72 0.37 3.31 -25.44
C ALA G 72 -0.43 4.03 -24.37
N ASP G 73 -1.16 3.25 -23.57
CA ASP G 73 -1.84 3.77 -22.40
C ASP G 73 -0.85 3.91 -21.25
N ALA G 74 -0.92 5.04 -20.54
CA ALA G 74 0.01 5.36 -19.47
C ALA G 74 -0.68 5.21 -18.12
N ALA G 75 0.00 4.55 -17.19
CA ALA G 75 -0.45 4.42 -15.81
C ALA G 75 0.71 4.76 -14.88
N ASN G 76 0.47 5.67 -13.95
CA ASN G 76 1.51 6.16 -13.05
C ASN G 76 1.01 5.99 -11.61
N TYR G 77 1.53 4.98 -10.93
CA TYR G 77 1.13 4.70 -9.55
C TYR G 77 2.09 5.37 -8.58
N VAL G 78 1.53 5.89 -7.49
CA VAL G 78 2.29 6.64 -6.48
C VAL G 78 2.47 5.75 -5.26
N PHE G 79 3.71 5.66 -4.79
CA PHE G 79 4.02 4.88 -3.59
C PHE G 79 4.71 5.74 -2.54
N GLY G 87 7.58 8.84 -4.79
CA GLY G 87 7.97 8.28 -6.07
C GLY G 87 6.81 7.68 -6.85
N THR G 88 6.97 7.59 -8.17
CA THR G 88 5.96 7.04 -9.04
C THR G 88 6.54 5.97 -9.93
N THR G 89 5.67 5.11 -10.44
CA THR G 89 6.04 4.02 -11.34
C THR G 89 5.29 4.19 -12.64
N LEU G 90 6.01 4.46 -13.73
CA LEU G 90 5.41 4.68 -15.03
C LEU G 90 5.21 3.36 -15.76
N SER G 91 4.05 3.18 -16.37
CA SER G 91 3.73 1.98 -17.12
C SER G 91 3.16 2.38 -18.47
N LEU G 92 3.66 1.77 -19.54
CA LEU G 92 3.23 2.06 -20.90
C LEU G 92 2.83 0.76 -21.59
N VAL G 93 1.54 0.55 -21.75
CA VAL G 93 1.00 -0.65 -22.39
C VAL G 93 0.71 -0.32 -23.84
N GLN G 94 1.47 -0.91 -24.76
CA GLN G 94 1.29 -0.64 -26.18
C GLN G 94 -0.08 -1.10 -26.66
N LYS G 95 -0.83 -0.20 -27.29
CA LYS G 95 -2.13 -0.53 -27.85
C LYS G 95 -2.09 -0.70 -29.36
N ASP G 96 -1.22 0.03 -30.05
CA ASP G 96 -1.07 -0.11 -31.49
C ASP G 96 0.30 0.44 -31.88
N ILE G 97 0.84 -0.07 -32.99
CA ILE G 97 2.17 0.30 -33.45
C ILE G 97 2.18 0.34 -34.97
N ASN G 98 3.05 1.19 -35.51
CA ASN G 98 3.28 1.29 -36.95
C ASN G 98 4.78 1.40 -37.19
N LEU G 99 5.30 0.52 -38.05
CA LEU G 99 6.72 0.50 -38.35
C LEU G 99 7.04 1.56 -39.40
N LEU G 100 7.86 2.54 -39.02
CA LEU G 100 8.23 3.57 -39.98
C LEU G 100 9.41 3.15 -40.84
N LYS G 101 10.47 2.65 -40.21
CA LYS G 101 11.62 2.12 -40.92
C LYS G 101 12.28 1.06 -40.06
N ASN G 102 12.52 -0.11 -40.63
CA ASN G 102 13.06 -1.22 -39.88
C ASN G 102 14.55 -1.06 -39.65
N GLY G 103 15.05 -1.72 -38.60
CA GLY G 103 16.44 -1.64 -38.24
C GLY G 103 17.36 -2.41 -39.17
N MSE H 1 38.09 8.95 41.19
CA MSE H 1 37.75 8.41 39.89
C MSE H 1 38.52 9.11 38.78
O MSE H 1 38.61 10.33 38.74
CB MSE H 1 36.24 8.52 39.65
CG MSE H 1 35.56 9.64 40.43
SE MSE H 1 35.85 11.42 39.68
CE MSE H 1 34.69 12.43 40.88
N ASP H 2 39.09 8.31 37.88
CA ASP H 2 39.82 8.84 36.73
C ASP H 2 38.87 9.02 35.55
N PHE H 3 39.19 10.00 34.71
CA PHE H 3 38.43 10.24 33.50
C PHE H 3 39.24 11.12 32.56
N SER H 4 38.89 11.06 31.28
CA SER H 4 39.47 11.92 30.26
C SER H 4 38.36 12.27 29.28
N LYS H 5 37.79 13.47 29.45
CA LYS H 5 36.64 13.91 28.67
C LYS H 5 37.02 15.11 27.82
N MSE H 6 36.56 15.11 26.57
CA MSE H 6 36.88 16.19 25.65
C MSE H 6 35.62 16.89 25.13
O MSE H 6 34.62 16.25 24.81
CB MSE H 6 37.70 15.67 24.48
CG MSE H 6 38.05 16.74 23.44
SE MSE H 6 39.20 16.07 22.03
CE MSE H 6 40.75 15.62 23.10
N SER H 7 35.69 18.22 25.04
CA SER H 7 34.65 19.04 24.44
C SER H 7 35.17 19.58 23.11
N ILE H 8 34.41 19.36 22.04
CA ILE H 8 34.82 19.75 20.69
C ILE H 8 33.73 20.58 20.06
N VAL H 9 34.10 21.72 19.49
CA VAL H 9 33.23 22.51 18.63
C VAL H 9 33.88 22.58 17.26
N GLY H 10 33.24 21.98 16.27
CA GLY H 10 33.78 21.95 14.94
C GLY H 10 32.72 21.57 13.93
N ARG H 11 33.18 21.36 12.69
CA ARG H 11 32.30 21.06 11.58
C ARG H 11 32.57 19.66 11.06
N ILE H 12 31.50 18.92 10.78
CA ILE H 12 31.60 17.53 10.35
C ILE H 12 32.20 17.50 8.96
N GLY H 13 33.46 17.08 8.85
CA GLY H 13 34.14 17.03 7.56
C GLY H 13 34.13 15.65 6.92
N SER H 14 33.05 14.90 7.12
CA SER H 14 32.91 13.57 6.56
C SER H 14 31.44 13.17 6.64
N GLU H 15 31.15 11.93 6.26
CA GLU H 15 29.79 11.39 6.33
C GLU H 15 29.75 10.21 7.27
N PHE H 16 28.56 9.89 7.75
CA PHE H 16 28.36 8.90 8.81
C PHE H 16 28.43 7.50 8.22
N THR H 17 29.62 6.90 8.29
CA THR H 17 29.81 5.53 7.88
C THR H 17 29.37 4.59 8.99
N GLU H 18 28.37 3.75 8.70
CA GLU H 18 27.77 2.89 9.70
C GLU H 18 28.51 1.55 9.75
N HIS H 19 28.67 1.02 10.96
CA HIS H 19 29.38 -0.23 11.18
C HIS H 19 28.64 -1.07 12.22
N THR H 20 29.02 -2.34 12.29
CA THR H 20 28.56 -3.25 13.33
C THR H 20 29.75 -4.08 13.81
N SER H 21 29.65 -4.59 15.03
CA SER H 21 30.73 -5.35 15.65
C SER H 21 30.20 -6.73 16.05
N ALA H 22 31.00 -7.43 16.87
CA ALA H 22 30.63 -8.77 17.30
C ALA H 22 29.38 -8.76 18.16
N ASN H 23 29.21 -7.72 18.99
CA ASN H 23 28.01 -7.57 19.80
C ASN H 23 26.78 -7.22 18.97
N ASN H 24 26.94 -7.03 17.66
CA ASN H 24 25.85 -6.61 16.78
C ASN H 24 25.23 -5.29 17.23
N ASN H 25 26.04 -4.44 17.85
CA ASN H 25 25.62 -3.09 18.23
C ASN H 25 26.02 -2.14 17.11
N ARG H 26 25.02 -1.58 16.43
CA ARG H 26 25.27 -0.62 15.37
C ARG H 26 25.92 0.63 15.94
N TYR H 27 27.00 1.10 15.30
CA TYR H 27 27.71 2.27 15.74
C TYR H 27 28.18 3.08 14.54
N LEU H 28 28.33 4.39 14.75
CA LEU H 28 28.72 5.32 13.70
C LEU H 28 30.20 5.68 13.80
N LYS H 29 30.68 6.33 12.75
CA LYS H 29 32.05 6.84 12.71
C LYS H 29 32.11 8.02 11.76
N TYR H 30 32.65 9.13 12.23
CA TYR H 30 32.78 10.34 11.41
C TYR H 30 33.91 11.18 11.97
N SER H 31 34.20 12.27 11.28
CA SER H 31 35.27 13.19 11.68
C SER H 31 34.72 14.60 11.85
N ILE H 32 35.42 15.39 12.64
CA ILE H 32 35.07 16.78 12.90
C ILE H 32 36.27 17.65 12.55
N ALA H 33 36.04 18.66 11.72
CA ALA H 33 37.06 19.64 11.36
C ALA H 33 36.99 20.79 12.37
N SER H 34 37.99 20.86 13.25
CA SER H 34 38.03 21.87 14.30
C SER H 34 39.24 22.77 14.05
N GLN H 35 38.99 23.97 13.52
CA GLN H 35 40.03 24.95 13.28
C GLN H 35 39.86 26.10 14.26
N PRO H 36 40.61 26.12 15.37
CA PRO H 36 40.41 27.20 16.36
C PRO H 36 40.75 28.57 15.82
N ARG H 37 41.87 28.72 15.13
CA ARG H 37 42.31 30.00 14.61
C ARG H 37 42.13 30.01 13.10
N ARG H 38 41.54 31.09 12.58
CA ARG H 38 41.41 31.24 11.14
C ARG H 38 42.78 31.30 10.46
N ASP H 39 43.82 31.70 11.21
CA ASP H 39 45.16 31.77 10.68
C ASP H 39 45.83 30.40 10.62
N GLY H 40 45.46 29.49 11.52
CA GLY H 40 46.27 28.30 11.73
C GLY H 40 45.68 26.96 11.40
N GLN H 41 46.02 25.97 12.22
CA GLN H 41 45.82 24.56 11.91
C GLN H 41 44.37 24.14 12.11
N THR H 42 43.94 23.17 11.29
CA THR H 42 42.67 22.50 11.45
C THR H 42 42.88 21.15 12.12
N ASN H 43 42.16 20.90 13.20
CA ASN H 43 42.27 19.66 13.95
C ASN H 43 41.15 18.70 13.55
N TRP H 44 41.53 17.47 13.19
CA TRP H 44 40.59 16.45 12.78
C TRP H 44 40.47 15.40 13.87
N TYR H 45 39.24 15.17 14.34
CA TYR H 45 38.95 14.23 15.41
C TYR H 45 37.97 13.19 14.92
N ASN H 46 38.34 11.91 15.04
CA ASN H 46 37.48 10.80 14.66
C ASN H 46 36.54 10.47 15.81
N ILE H 47 35.24 10.57 15.57
CA ILE H 47 34.22 10.38 16.60
C ILE H 47 33.52 9.05 16.36
N THR H 48 33.36 8.27 17.41
CA THR H 48 32.61 7.02 17.37
C THR H 48 31.38 7.15 18.26
N VAL H 49 30.22 6.81 17.72
CA VAL H 49 28.95 6.99 18.41
C VAL H 49 28.30 5.62 18.60
N PHE H 50 27.95 5.31 19.85
CA PHE H 50 27.22 4.08 20.18
C PHE H 50 25.79 4.33 20.61
N ASN H 51 25.50 5.50 21.18
CA ASN H 51 24.16 5.82 21.66
C ASN H 51 23.19 5.87 20.48
N GLU H 52 22.32 4.87 20.38
CA GLU H 52 21.38 4.81 19.25
C GLU H 52 20.47 6.04 19.14
N PRO H 53 19.95 6.62 20.23
CA PRO H 53 19.25 7.90 20.07
C PRO H 53 20.11 8.99 19.45
N GLN H 54 21.42 9.00 19.73
CA GLN H 54 22.32 9.94 19.09
C GLN H 54 22.82 9.45 17.74
N ILE H 55 22.82 8.13 17.51
CA ILE H 55 23.15 7.62 16.19
C ILE H 55 22.06 7.98 15.20
N ASN H 56 20.79 7.82 15.59
CA ASN H 56 19.69 8.13 14.68
C ASN H 56 19.57 9.62 14.44
N PHE H 57 19.81 10.44 15.47
CA PHE H 57 19.70 11.88 15.31
C PHE H 57 20.72 12.42 14.32
N LEU H 58 21.88 11.77 14.21
CA LEU H 58 22.90 12.23 13.27
C LEU H 58 22.51 11.87 11.84
N THR H 59 21.98 10.67 11.62
CA THR H 59 21.77 10.19 10.27
C THR H 59 20.60 10.88 9.59
N GLU H 60 19.54 11.18 10.33
CA GLU H 60 18.30 11.69 9.74
C GLU H 60 18.09 13.18 9.99
N TYR H 61 19.00 13.86 10.69
CA TYR H 61 18.80 15.27 10.96
C TYR H 61 20.02 16.12 10.67
N VAL H 62 21.22 15.62 10.96
CA VAL H 62 22.45 16.38 10.80
C VAL H 62 23.07 16.03 9.46
N ARG H 63 23.47 17.04 8.70
CA ARG H 63 24.10 16.86 7.40
C ARG H 63 25.60 17.07 7.51
N LYS H 64 26.29 16.92 6.38
CA LYS H 64 27.73 17.13 6.34
C LYS H 64 28.04 18.62 6.42
N GLY H 65 29.18 18.93 7.04
CA GLY H 65 29.61 20.31 7.21
C GLY H 65 28.91 21.06 8.32
N ALA H 66 28.05 20.40 9.09
CA ALA H 66 27.31 21.08 10.14
C ALA H 66 28.23 21.38 11.34
N LEU H 67 28.01 22.54 11.94
CA LEU H 67 28.75 22.92 13.14
C LEU H 67 28.10 22.30 14.36
N VAL H 68 28.89 21.58 15.16
CA VAL H 68 28.36 20.83 16.29
C VAL H 68 29.26 21.03 17.50
N TYR H 69 28.65 20.92 18.68
CA TYR H 69 29.35 20.82 19.96
C TYR H 69 29.21 19.39 20.43
N VAL H 70 30.34 18.70 20.60
CA VAL H 70 30.35 17.28 20.91
C VAL H 70 31.13 17.05 22.20
N GLU H 71 30.56 16.26 23.10
CA GLU H 71 31.25 15.76 24.28
C GLU H 71 31.52 14.28 24.09
N ALA H 72 32.78 13.88 24.28
CA ALA H 72 33.17 12.50 24.03
C ALA H 72 34.14 12.03 25.09
N ASP H 73 33.99 10.78 25.51
CA ASP H 73 34.97 10.15 26.39
C ASP H 73 36.20 9.78 25.58
N ALA H 74 37.38 10.17 26.06
CA ALA H 74 38.63 10.00 25.33
C ALA H 74 39.43 8.86 25.94
N ALA H 75 39.93 7.97 25.08
CA ALA H 75 40.83 6.90 25.48
C ALA H 75 42.05 6.93 24.57
N ASN H 76 43.22 6.73 25.16
CA ASN H 76 44.46 6.81 24.39
C ASN H 76 45.32 5.57 24.60
N THR H 89 46.93 5.73 19.68
CA THR H 89 45.58 5.74 19.12
C THR H 89 44.61 6.47 20.04
N LEU H 90 43.89 7.44 19.47
CA LEU H 90 42.95 8.26 20.22
C LEU H 90 41.53 7.81 19.92
N SER H 91 40.82 7.39 20.97
CA SER H 91 39.41 7.03 20.87
C SER H 91 38.55 8.18 21.38
N LEU H 92 37.42 8.41 20.71
CA LEU H 92 36.50 9.48 21.08
C LEU H 92 35.07 8.94 20.96
N VAL H 93 34.53 8.49 22.08
CA VAL H 93 33.19 7.91 22.11
C VAL H 93 32.21 9.02 22.47
N GLN H 94 31.38 9.42 21.50
CA GLN H 94 30.44 10.51 21.71
C GLN H 94 29.39 10.13 22.75
N LYS H 95 29.23 10.98 23.76
CA LYS H 95 28.20 10.78 24.79
C LYS H 95 27.09 11.81 24.73
N ASP H 96 27.31 12.95 24.08
CA ASP H 96 26.28 13.96 23.90
C ASP H 96 26.71 14.92 22.80
N ILE H 97 25.73 15.46 22.08
CA ILE H 97 26.00 16.34 20.95
C ILE H 97 24.92 17.41 20.89
N ASN H 98 25.32 18.60 20.46
CA ASN H 98 24.41 19.73 20.26
C ASN H 98 24.68 20.36 18.91
N LEU H 99 23.63 20.53 18.11
CA LEU H 99 23.77 21.11 16.77
C LEU H 99 23.74 22.62 16.88
N LEU H 100 24.79 23.27 16.40
CA LEU H 100 24.87 24.73 16.41
C LEU H 100 24.38 25.33 15.09
N LYS H 101 24.85 24.79 13.98
CA LYS H 101 24.43 25.26 12.66
C LYS H 101 24.58 24.11 11.67
N ASN H 102 23.54 23.85 10.89
CA ASN H 102 23.54 22.73 9.98
C ASN H 102 24.26 23.09 8.69
N GLY H 103 24.63 22.06 7.92
CA GLY H 103 25.34 22.24 6.67
C GLY H 103 24.46 22.78 5.55
#